data_2A81
#
_entry.id   2A81
#
_cell.length_a   139.605
_cell.length_b   139.605
_cell.length_c   78.546
_cell.angle_alpha   90.00
_cell.angle_beta   90.00
_cell.angle_gamma   120.00
#
_symmetry.space_group_name_H-M   'P 63'
#
loop_
_entity.id
_entity.type
_entity.pdbx_description
1 polymer CarB
2 non-polymer 'ACETYL COENZYME *A'
3 non-polymer BICINE
#
_entity_poly.entity_id   1
_entity_poly.type   'polypeptide(L)'
_entity_poly.pdbx_seq_one_letter_code
;MVFEENSDEVRVITLDHPNKHNPFSRTLETSVKDALARANADDSVRAVVVYGGAERSFSAGGDFNEVKQLSRSEDIEEWI
DRVIDLYQAVLNVNKPTIAAVDGYAIGMGFQFALMFDQRLMASTANFVMPELKHGIGCSVGAAILGFTHGFSTMQEIIYQ
CQSLDAPRCVDYRLVNQVVESSALLDAAITQAHVMASYPASAFINTKRAVNKPFIHLLEQTRDASKAVHKAAFQARDAQG
HFKNVLGKKY
;
_entity_poly.pdbx_strand_id   A,B,C
#
# COMPACT_ATOMS: atom_id res chain seq x y z
N MET A 1 -29.19 -22.20 -1.75
CA MET A 1 -28.14 -22.24 -0.67
C MET A 1 -27.85 -20.90 0.01
N VAL A 2 -28.80 -19.95 0.00
CA VAL A 2 -28.64 -18.66 0.69
C VAL A 2 -30.02 -18.22 1.18
N PHE A 3 -30.11 -17.75 2.42
CA PHE A 3 -31.34 -17.13 2.88
C PHE A 3 -31.26 -15.65 2.60
N GLU A 4 -32.39 -15.05 2.25
CA GLU A 4 -32.48 -13.61 2.12
C GLU A 4 -33.55 -13.07 3.05
N GLU A 5 -33.15 -12.27 4.03
CA GLU A 5 -34.11 -11.65 4.95
C GLU A 5 -33.84 -10.15 5.00
N ASN A 6 -34.64 -9.43 5.77
CA ASN A 6 -34.56 -7.98 5.79
C ASN A 6 -34.59 -7.38 7.18
N SER A 7 -33.63 -6.49 7.43
CA SER A 7 -33.67 -5.58 8.57
C SER A 7 -34.00 -4.19 8.02
N ASP A 8 -35.28 -3.99 7.67
CA ASP A 8 -35.73 -2.79 6.96
C ASP A 8 -34.96 -2.63 5.64
N GLU A 9 -34.34 -1.46 5.42
CA GLU A 9 -33.69 -1.19 4.15
C GLU A 9 -32.47 -2.08 3.91
N VAL A 10 -32.06 -2.82 4.96
CA VAL A 10 -30.92 -3.73 4.88
C VAL A 10 -31.36 -5.14 4.48
N ARG A 11 -30.73 -5.67 3.44
CA ARG A 11 -30.91 -7.06 3.01
C ARG A 11 -29.79 -7.88 3.62
N VAL A 12 -30.14 -9.02 4.21
CA VAL A 12 -29.16 -9.89 4.82
C VAL A 12 -29.14 -11.22 4.09
N ILE A 13 -28.02 -11.53 3.45
CA ILE A 13 -27.84 -12.80 2.75
C ILE A 13 -27.01 -13.77 3.60
N THR A 14 -27.63 -14.89 3.99
CA THR A 14 -26.98 -15.86 4.86
C THR A 14 -26.64 -17.12 4.08
N LEU A 15 -25.36 -17.45 4.01
CA LEU A 15 -24.91 -18.61 3.26
C LEU A 15 -25.38 -19.89 3.93
N ASP A 16 -25.89 -20.82 3.12
CA ASP A 16 -26.47 -22.04 3.65
C ASP A 16 -26.17 -23.24 2.79
N HIS A 17 -24.89 -23.55 2.67
CA HIS A 17 -24.45 -24.79 2.06
C HIS A 17 -24.83 -25.88 3.06
N PRO A 18 -25.17 -27.09 2.57
CA PRO A 18 -25.33 -28.20 3.49
C PRO A 18 -24.21 -28.29 4.51
N ASN A 19 -22.98 -28.04 4.07
CA ASN A 19 -21.81 -28.06 4.94
C ASN A 19 -21.66 -26.78 5.76
N LYS A 20 -21.41 -26.94 7.06
CA LYS A 20 -21.38 -25.80 7.99
C LYS A 20 -20.35 -24.77 7.59
N HIS A 21 -19.32 -25.21 6.88
CA HIS A 21 -18.23 -24.32 6.53
C HIS A 21 -18.42 -23.60 5.20
N ASN A 22 -19.63 -23.68 4.64
CA ASN A 22 -20.01 -22.89 3.46
C ASN A 22 -18.93 -22.90 2.37
N PRO A 23 -18.54 -24.10 1.93
CA PRO A 23 -17.56 -24.16 0.86
C PRO A 23 -18.19 -23.67 -0.42
N PHE A 24 -17.44 -22.97 -1.25
CA PHE A 24 -17.97 -22.46 -2.50
C PHE A 24 -18.03 -23.55 -3.56
N SER A 25 -19.15 -24.26 -3.56
CA SER A 25 -19.47 -25.15 -4.65
C SER A 25 -20.05 -24.29 -5.73
N ARG A 26 -20.13 -24.83 -6.93
CA ARG A 26 -20.71 -24.12 -8.06
C ARG A 26 -22.16 -23.69 -7.76
N THR A 27 -22.91 -24.53 -7.05
CA THR A 27 -24.28 -24.18 -6.70
C THR A 27 -24.33 -22.97 -5.77
N LEU A 28 -23.42 -22.91 -4.81
CA LEU A 28 -23.41 -21.81 -3.86
C LEU A 28 -23.03 -20.51 -4.56
N GLU A 29 -22.03 -20.56 -5.44
CA GLU A 29 -21.67 -19.37 -6.22
C GLU A 29 -22.94 -18.78 -6.82
N THR A 30 -23.63 -19.62 -7.59
CA THR A 30 -24.84 -19.24 -8.30
C THR A 30 -25.82 -18.50 -7.40
N SER A 31 -26.17 -19.12 -6.28
CA SER A 31 -27.13 -18.55 -5.33
C SER A 31 -26.66 -17.19 -4.89
N VAL A 32 -25.39 -17.11 -4.49
CA VAL A 32 -24.80 -15.87 -3.98
C VAL A 32 -24.82 -14.76 -5.04
N LYS A 33 -24.52 -15.14 -6.29
CA LYS A 33 -24.55 -14.18 -7.38
C LYS A 33 -25.98 -13.70 -7.62
N ASP A 34 -26.92 -14.64 -7.65
CA ASP A 34 -28.33 -14.33 -7.89
C ASP A 34 -28.94 -13.43 -6.80
N ALA A 35 -28.59 -13.70 -5.54
CA ALA A 35 -29.08 -12.91 -4.40
C ALA A 35 -28.53 -11.49 -4.46
N LEU A 36 -27.26 -11.37 -4.85
CA LEU A 36 -26.63 -10.07 -5.04
C LEU A 36 -27.31 -9.28 -6.16
N ALA A 37 -27.65 -9.98 -7.24
CA ALA A 37 -28.33 -9.34 -8.38
C ALA A 37 -29.65 -8.75 -7.94
N ARG A 38 -30.47 -9.58 -7.29
CA ARG A 38 -31.76 -9.14 -6.77
C ARG A 38 -31.64 -7.97 -5.82
N ALA A 39 -30.68 -8.04 -4.90
CA ALA A 39 -30.48 -6.99 -3.89
C ALA A 39 -30.12 -5.65 -4.52
N ASN A 40 -29.26 -5.72 -5.53
CA ASN A 40 -28.83 -4.54 -6.27
C ASN A 40 -29.97 -3.97 -7.09
N ALA A 41 -30.76 -4.85 -7.70
CA ALA A 41 -31.89 -4.43 -8.53
C ALA A 41 -33.11 -3.96 -7.74
N ASP A 42 -33.18 -4.32 -6.46
CA ASP A 42 -34.33 -4.02 -5.61
C ASP A 42 -34.17 -2.65 -4.95
N ASP A 43 -35.09 -1.73 -5.24
CA ASP A 43 -35.03 -0.39 -4.64
C ASP A 43 -35.35 -0.35 -3.15
N SER A 44 -36.12 -1.31 -2.64
CA SER A 44 -36.36 -1.40 -1.20
C SER A 44 -35.06 -1.69 -0.44
N VAL A 45 -34.10 -2.29 -1.13
CA VAL A 45 -32.80 -2.56 -0.53
C VAL A 45 -31.90 -1.34 -0.71
N ARG A 46 -31.26 -0.92 0.38
CA ARG A 46 -30.28 0.17 0.33
C ARG A 46 -28.87 -0.21 0.84
N ALA A 47 -28.74 -1.42 1.39
CA ALA A 47 -27.44 -1.92 1.86
C ALA A 47 -27.50 -3.44 2.05
N VAL A 48 -26.36 -4.10 1.94
CA VAL A 48 -26.30 -5.57 1.95
C VAL A 48 -25.27 -6.12 2.93
N VAL A 49 -25.69 -7.12 3.71
CA VAL A 49 -24.82 -7.85 4.63
C VAL A 49 -24.77 -9.31 4.21
N VAL A 50 -23.57 -9.85 4.04
CA VAL A 50 -23.39 -11.28 3.72
C VAL A 50 -22.78 -11.96 4.94
N TYR A 51 -23.34 -13.12 5.32
CA TYR A 51 -23.05 -13.75 6.60
C TYR A 51 -23.02 -15.26 6.49
N GLY A 52 -22.07 -15.89 7.16
CA GLY A 52 -21.89 -17.35 7.10
C GLY A 52 -22.99 -18.12 7.80
N GLY A 53 -23.58 -17.49 8.81
CA GLY A 53 -24.59 -18.11 9.64
C GLY A 53 -24.05 -18.33 11.04
N ALA A 54 -24.95 -18.41 12.00
CA ALA A 54 -24.57 -18.69 13.38
C ALA A 54 -23.92 -20.06 13.48
N GLU A 55 -22.77 -20.09 14.16
CA GLU A 55 -21.98 -21.29 14.35
C GLU A 55 -21.55 -21.92 13.03
N ARG A 56 -21.37 -21.06 12.03
CA ARG A 56 -21.00 -21.48 10.68
C ARG A 56 -19.88 -20.61 10.17
N SER A 57 -19.02 -21.15 9.32
CA SER A 57 -17.89 -20.40 8.77
C SER A 57 -18.37 -19.52 7.64
N PHE A 58 -17.75 -18.35 7.50
CA PHE A 58 -18.04 -17.44 6.39
C PHE A 58 -17.94 -18.20 5.04
N SER A 59 -16.79 -18.83 4.81
CA SER A 59 -16.61 -19.85 3.77
C SER A 59 -15.21 -20.37 3.89
N ALA A 60 -15.06 -21.69 3.92
CA ALA A 60 -13.74 -22.31 3.91
C ALA A 60 -13.22 -22.45 2.49
N GLY A 61 -13.48 -21.45 1.64
CA GLY A 61 -12.94 -21.42 0.29
C GLY A 61 -13.79 -22.27 -0.61
N GLY A 62 -13.21 -22.66 -1.74
CA GLY A 62 -13.92 -23.49 -2.72
C GLY A 62 -14.11 -24.92 -2.31
N ASP A 63 -14.83 -25.67 -3.13
CA ASP A 63 -15.12 -27.08 -2.84
C ASP A 63 -13.93 -27.94 -3.25
N PHE A 64 -13.26 -28.52 -2.25
CA PHE A 64 -12.15 -29.44 -2.45
C PHE A 64 -12.51 -30.57 -3.41
N ASN A 65 -13.80 -30.89 -3.50
CA ASN A 65 -14.32 -31.86 -4.46
C ASN A 65 -14.20 -31.42 -5.92
N GLU A 66 -14.52 -30.15 -6.20
CA GLU A 66 -14.23 -29.57 -7.51
C GLU A 66 -12.70 -29.54 -7.69
N VAL A 67 -12.02 -28.80 -6.82
CA VAL A 67 -10.59 -28.51 -6.97
C VAL A 67 -9.70 -29.76 -7.22
N LYS A 68 -9.69 -30.71 -6.28
CA LYS A 68 -8.93 -31.96 -6.47
C LYS A 68 -9.34 -32.77 -7.74
N GLN A 69 -10.59 -32.65 -8.18
CA GLN A 69 -11.06 -33.35 -9.38
C GLN A 69 -10.86 -32.55 -10.69
N LEU A 70 -9.85 -31.66 -10.73
CA LEU A 70 -9.55 -30.84 -11.94
C LEU A 70 -8.25 -31.23 -12.68
N SER A 71 -8.39 -31.73 -13.91
CA SER A 71 -7.25 -32.12 -14.76
C SER A 71 -7.30 -31.41 -16.10
N ARG A 72 -8.36 -31.64 -16.89
CA ARG A 72 -8.52 -30.98 -18.20
C ARG A 72 -8.25 -29.46 -18.11
N SER A 73 -7.67 -28.89 -19.16
CA SER A 73 -7.43 -27.45 -19.24
C SER A 73 -8.74 -26.68 -19.43
N GLU A 74 -9.60 -27.21 -20.30
CA GLU A 74 -10.94 -26.67 -20.49
C GLU A 74 -11.60 -26.43 -19.12
N ASP A 75 -11.50 -27.44 -18.26
CA ASP A 75 -12.16 -27.45 -16.95
C ASP A 75 -11.59 -26.44 -15.97
N ILE A 76 -10.27 -26.27 -16.00
CA ILE A 76 -9.58 -25.36 -15.08
C ILE A 76 -9.74 -23.93 -15.53
N GLU A 77 -9.54 -23.70 -16.83
CA GLU A 77 -9.74 -22.40 -17.43
C GLU A 77 -11.09 -21.83 -17.00
N GLU A 78 -12.16 -22.60 -17.19
CA GLU A 78 -13.50 -22.12 -16.92
C GLU A 78 -13.77 -21.92 -15.42
N TRP A 79 -13.10 -22.71 -14.58
CA TRP A 79 -13.21 -22.58 -13.12
C TRP A 79 -12.73 -21.19 -12.64
N ILE A 80 -11.60 -20.73 -13.21
CA ILE A 80 -11.07 -19.42 -12.87
C ILE A 80 -12.05 -18.32 -13.27
N ASP A 81 -12.67 -18.43 -14.45
CA ASP A 81 -13.69 -17.47 -14.86
C ASP A 81 -14.81 -17.40 -13.81
N ARG A 82 -15.28 -18.57 -13.35
CA ARG A 82 -16.32 -18.61 -12.32
C ARG A 82 -15.92 -17.82 -11.09
N VAL A 83 -14.73 -18.12 -10.58
CA VAL A 83 -14.22 -17.50 -9.38
C VAL A 83 -14.23 -15.97 -9.49
N ILE A 84 -13.65 -15.44 -10.57
CA ILE A 84 -13.58 -13.99 -10.76
C ILE A 84 -14.99 -13.38 -10.85
N ASP A 85 -15.83 -13.99 -11.68
CA ASP A 85 -17.23 -13.58 -11.83
C ASP A 85 -17.93 -13.36 -10.48
N LEU A 86 -17.66 -14.28 -9.55
CA LEU A 86 -18.18 -14.15 -8.20
C LEU A 86 -17.67 -12.88 -7.54
N TYR A 87 -16.36 -12.68 -7.59
CA TYR A 87 -15.74 -11.51 -6.98
C TYR A 87 -16.23 -10.23 -7.63
N GLN A 88 -16.36 -10.25 -8.96
CA GLN A 88 -16.92 -9.11 -9.68
C GLN A 88 -18.37 -8.86 -9.22
N ALA A 89 -19.13 -9.94 -9.10
CA ALA A 89 -20.52 -9.83 -8.67
C ALA A 89 -20.68 -8.98 -7.42
N VAL A 90 -19.74 -9.09 -6.50
CA VAL A 90 -19.76 -8.30 -5.27
C VAL A 90 -19.36 -6.86 -5.60
N LEU A 91 -18.27 -6.69 -6.34
CA LEU A 91 -17.76 -5.35 -6.65
C LEU A 91 -18.76 -4.50 -7.42
N ASN A 92 -19.67 -5.14 -8.15
CA ASN A 92 -20.64 -4.42 -8.97
C ASN A 92 -21.94 -4.15 -8.25
N VAL A 93 -22.04 -4.49 -6.97
CA VAL A 93 -23.19 -4.09 -6.19
C VAL A 93 -23.05 -2.60 -5.85
N ASN A 94 -23.95 -1.79 -6.39
CA ASN A 94 -23.88 -0.33 -6.27
C ASN A 94 -24.32 0.24 -4.90
N LYS A 95 -24.62 -0.63 -3.94
CA LYS A 95 -25.01 -0.19 -2.62
C LYS A 95 -23.91 -0.64 -1.64
N PRO A 96 -23.95 -0.17 -0.38
CA PRO A 96 -22.96 -0.59 0.60
C PRO A 96 -22.98 -2.09 0.86
N THR A 97 -21.80 -2.67 1.10
CA THR A 97 -21.67 -4.11 1.34
C THR A 97 -20.80 -4.41 2.55
N ILE A 98 -21.38 -5.09 3.54
CA ILE A 98 -20.70 -5.50 4.76
C ILE A 98 -20.53 -7.02 4.75
N ALA A 99 -19.36 -7.51 5.17
CA ALA A 99 -19.15 -8.95 5.33
C ALA A 99 -19.01 -9.28 6.81
N ALA A 100 -19.92 -10.10 7.31
CA ALA A 100 -19.90 -10.53 8.72
C ALA A 100 -19.22 -11.88 8.85
N VAL A 101 -17.97 -11.86 9.32
CA VAL A 101 -17.12 -13.06 9.28
C VAL A 101 -17.02 -13.74 10.64
N ASP A 102 -17.52 -14.98 10.70
CA ASP A 102 -17.28 -15.87 11.83
C ASP A 102 -16.69 -17.16 11.25
N GLY A 103 -16.16 -17.99 12.13
CA GLY A 103 -15.55 -19.23 11.72
C GLY A 103 -14.31 -18.99 10.90
N TYR A 104 -14.22 -19.67 9.77
CA TYR A 104 -13.07 -19.61 8.89
C TYR A 104 -13.39 -18.88 7.61
N ALA A 105 -12.47 -18.00 7.19
CA ALA A 105 -12.48 -17.44 5.84
C ALA A 105 -11.17 -17.87 5.18
N ILE A 106 -11.21 -18.91 4.36
CA ILE A 106 -10.00 -19.50 3.83
C ILE A 106 -9.92 -19.30 2.32
N GLY A 107 -8.70 -19.03 1.82
CA GLY A 107 -8.43 -18.97 0.39
C GLY A 107 -9.48 -18.17 -0.36
N MET A 108 -10.35 -18.88 -1.06
CA MET A 108 -11.44 -18.23 -1.80
C MET A 108 -12.37 -17.40 -0.89
N GLY A 109 -12.59 -17.83 0.35
CA GLY A 109 -13.43 -17.10 1.32
C GLY A 109 -12.78 -15.82 1.80
N PHE A 110 -11.46 -15.90 2.03
CA PHE A 110 -10.64 -14.74 2.34
C PHE A 110 -10.81 -13.72 1.20
N GLN A 111 -10.64 -14.17 -0.03
CA GLN A 111 -10.64 -13.29 -1.18
C GLN A 111 -12.00 -12.66 -1.36
N PHE A 112 -13.03 -13.51 -1.32
CA PHE A 112 -14.43 -13.09 -1.42
C PHE A 112 -14.71 -11.96 -0.43
N ALA A 113 -14.23 -12.12 0.80
CA ALA A 113 -14.42 -11.09 1.84
C ALA A 113 -13.79 -9.75 1.49
N LEU A 114 -12.62 -9.80 0.86
CA LEU A 114 -11.91 -8.58 0.46
C LEU A 114 -12.64 -7.74 -0.60
N MET A 115 -13.70 -8.30 -1.21
CA MET A 115 -14.49 -7.57 -2.20
C MET A 115 -15.48 -6.59 -1.59
N PHE A 116 -15.74 -6.74 -0.30
CA PHE A 116 -16.74 -5.94 0.40
C PHE A 116 -16.22 -4.59 0.80
N ASP A 117 -17.13 -3.65 1.04
CA ASP A 117 -16.75 -2.31 1.45
C ASP A 117 -16.21 -2.30 2.88
N GLN A 118 -16.80 -3.14 3.74
CA GLN A 118 -16.40 -3.26 5.14
C GLN A 118 -16.43 -4.72 5.59
N ARG A 119 -15.64 -5.00 6.62
CA ARG A 119 -15.54 -6.34 7.20
C ARG A 119 -15.50 -6.27 8.71
N LEU A 120 -16.45 -6.94 9.36
CA LEU A 120 -16.34 -7.19 10.78
C LEU A 120 -16.18 -8.70 10.97
N MET A 121 -15.36 -9.08 11.95
CA MET A 121 -15.17 -10.49 12.28
C MET A 121 -15.42 -10.75 13.74
N ALA A 122 -15.68 -12.01 14.08
CA ALA A 122 -15.79 -12.42 15.48
C ALA A 122 -14.40 -12.48 16.11
N SER A 123 -14.31 -12.27 17.42
CA SER A 123 -13.05 -12.41 18.15
C SER A 123 -12.49 -13.81 18.00
N THR A 124 -13.39 -14.78 17.82
CA THR A 124 -13.05 -16.19 17.72
C THR A 124 -12.84 -16.70 16.27
N ALA A 125 -12.89 -15.82 15.28
CA ALA A 125 -12.79 -16.22 13.87
C ALA A 125 -11.33 -16.25 13.37
N ASN A 126 -11.13 -16.79 12.17
CA ASN A 126 -9.82 -16.89 11.54
C ASN A 126 -9.85 -16.66 10.02
N PHE A 127 -8.86 -15.90 9.53
CA PHE A 127 -8.59 -15.77 8.11
C PHE A 127 -7.40 -16.66 7.77
N VAL A 128 -7.41 -17.30 6.61
CA VAL A 128 -6.26 -18.09 6.15
C VAL A 128 -6.14 -18.06 4.62
N MET A 129 -4.90 -18.01 4.13
CA MET A 129 -4.60 -18.11 2.69
C MET A 129 -3.49 -19.14 2.49
N PRO A 130 -3.80 -20.44 2.67
CA PRO A 130 -2.79 -21.47 2.82
C PRO A 130 -2.51 -22.23 1.54
N GLU A 131 -2.79 -21.62 0.40
CA GLU A 131 -2.70 -22.28 -0.93
C GLU A 131 -1.37 -22.98 -1.17
N LEU A 132 -0.28 -22.21 -1.13
CA LEU A 132 1.04 -22.73 -1.49
C LEU A 132 1.51 -23.86 -0.56
N LYS A 133 1.17 -23.74 0.72
CA LYS A 133 1.39 -24.81 1.71
C LYS A 133 0.81 -26.12 1.15
N HIS A 134 -0.38 -26.00 0.56
CA HIS A 134 -1.17 -27.14 0.11
C HIS A 134 -0.91 -27.56 -1.35
N GLY A 135 -0.16 -26.75 -2.10
CA GLY A 135 0.14 -27.09 -3.49
C GLY A 135 -0.84 -26.49 -4.48
N ILE A 136 -1.67 -25.57 -4.02
CA ILE A 136 -2.58 -24.84 -4.89
C ILE A 136 -1.91 -23.55 -5.34
N GLY A 137 -2.21 -23.13 -6.57
CA GLY A 137 -1.74 -21.83 -7.09
C GLY A 137 -2.42 -20.68 -6.37
N CYS A 138 -1.77 -19.52 -6.35
CA CYS A 138 -2.28 -18.37 -5.60
C CYS A 138 -2.00 -17.01 -6.25
N SER A 139 -2.01 -16.96 -7.57
CA SER A 139 -1.77 -15.74 -8.29
C SER A 139 -2.96 -14.80 -8.15
N VAL A 140 -4.16 -15.37 -8.13
CA VAL A 140 -5.35 -14.54 -8.02
C VAL A 140 -5.34 -13.91 -6.63
N GLY A 141 -5.06 -14.73 -5.63
CA GLY A 141 -4.97 -14.25 -4.24
C GLY A 141 -3.93 -13.16 -4.08
N ALA A 142 -2.72 -13.45 -4.55
CA ALA A 142 -1.64 -12.48 -4.53
C ALA A 142 -2.10 -11.17 -5.16
N ALA A 143 -2.71 -11.29 -6.33
CA ALA A 143 -3.18 -10.11 -7.07
C ALA A 143 -4.12 -9.23 -6.25
N ILE A 144 -5.15 -9.87 -5.69
CA ILE A 144 -6.17 -9.19 -4.91
C ILE A 144 -5.53 -8.52 -3.71
N LEU A 145 -4.82 -9.33 -2.94
CA LEU A 145 -4.28 -8.90 -1.66
C LEU A 145 -3.21 -7.83 -1.82
N GLY A 146 -2.39 -7.97 -2.86
CA GLY A 146 -1.44 -6.92 -3.22
C GLY A 146 -2.17 -5.61 -3.46
N PHE A 147 -3.32 -5.66 -4.12
CA PHE A 147 -4.07 -4.47 -4.48
C PHE A 147 -4.75 -3.81 -3.28
N THR A 148 -5.32 -4.63 -2.41
CA THR A 148 -6.10 -4.15 -1.28
C THR A 148 -5.24 -3.74 -0.12
N HIS A 149 -4.09 -4.41 0.06
CA HIS A 149 -3.27 -4.25 1.26
C HIS A 149 -1.76 -4.05 1.04
N GLY A 150 -1.30 -3.97 -0.20
CA GLY A 150 0.10 -3.67 -0.46
C GLY A 150 0.90 -4.91 -0.78
N PHE A 151 2.04 -4.70 -1.44
CA PHE A 151 2.90 -5.79 -1.89
C PHE A 151 3.47 -6.56 -0.71
N SER A 152 4.22 -5.89 0.16
CA SER A 152 4.94 -6.60 1.23
C SER A 152 4.01 -7.30 2.23
N THR A 153 2.83 -6.76 2.48
CA THR A 153 1.86 -7.42 3.34
C THR A 153 1.37 -8.72 2.70
N MET A 154 1.04 -8.63 1.42
CA MET A 154 0.59 -9.78 0.66
C MET A 154 1.65 -10.87 0.69
N GLN A 155 2.89 -10.47 0.39
CA GLN A 155 4.03 -11.40 0.41
C GLN A 155 4.06 -12.20 1.69
N GLU A 156 3.98 -11.50 2.81
CA GLU A 156 4.05 -12.10 4.13
C GLU A 156 2.96 -13.13 4.28
N ILE A 157 1.73 -12.73 3.97
CA ILE A 157 0.57 -13.59 4.16
C ILE A 157 0.61 -14.85 3.35
N ILE A 158 0.72 -14.72 2.03
CA ILE A 158 0.71 -15.90 1.15
C ILE A 158 1.93 -16.83 1.31
N TYR A 159 3.09 -16.28 1.68
CA TYR A 159 4.31 -17.08 1.87
C TYR A 159 4.41 -17.72 3.25
N GLN A 160 3.80 -17.10 4.26
CA GLN A 160 3.77 -17.68 5.61
C GLN A 160 2.65 -18.69 5.83
N CYS A 161 1.53 -18.54 5.11
CA CYS A 161 0.39 -19.45 5.21
C CYS A 161 -0.03 -19.71 6.64
N GLN A 162 -0.29 -18.65 7.39
CA GLN A 162 -0.68 -18.83 8.78
C GLN A 162 -2.16 -18.61 9.00
N SER A 163 -2.63 -19.10 10.15
CA SER A 163 -4.02 -18.97 10.55
C SER A 163 -4.09 -17.65 11.29
N LEU A 164 -4.78 -16.66 10.72
CA LEU A 164 -4.78 -15.33 11.27
C LEU A 164 -5.93 -15.17 12.23
N ASP A 165 -5.66 -15.10 13.52
CA ASP A 165 -6.70 -14.78 14.51
C ASP A 165 -7.09 -13.30 14.39
N ALA A 166 -8.06 -12.86 15.19
CA ALA A 166 -8.52 -11.47 15.10
C ALA A 166 -7.40 -10.45 15.39
N PRO A 167 -6.69 -10.59 16.53
CA PRO A 167 -5.59 -9.67 16.82
C PRO A 167 -4.67 -9.43 15.63
N ARG A 168 -4.39 -10.50 14.90
CA ARG A 168 -3.51 -10.47 13.73
C ARG A 168 -4.16 -9.74 12.55
N CYS A 169 -5.46 -9.95 12.35
CA CYS A 169 -6.19 -9.30 11.28
C CYS A 169 -6.29 -7.81 11.52
N VAL A 170 -6.46 -7.42 12.79
CA VAL A 170 -6.47 -6.01 13.16
C VAL A 170 -5.11 -5.40 12.84
N ASP A 171 -4.07 -6.09 13.26
CA ASP A 171 -2.70 -5.70 12.99
C ASP A 171 -2.44 -5.51 11.49
N TYR A 172 -3.00 -6.38 10.65
CA TYR A 172 -2.90 -6.26 9.18
C TYR A 172 -3.90 -5.25 8.58
N ARG A 173 -4.84 -4.77 9.40
CA ARG A 173 -5.97 -3.95 8.92
C ARG A 173 -6.81 -4.69 7.88
N LEU A 174 -7.07 -5.97 8.14
CA LEU A 174 -7.93 -6.80 7.30
C LEU A 174 -9.41 -6.60 7.61
N VAL A 175 -9.71 -6.09 8.79
CA VAL A 175 -11.11 -5.90 9.19
C VAL A 175 -11.29 -4.53 9.82
N ASN A 176 -12.54 -4.06 9.84
CA ASN A 176 -12.85 -2.77 10.43
C ASN A 176 -13.28 -2.90 11.88
N GLN A 177 -13.60 -4.13 12.28
CA GLN A 177 -14.13 -4.34 13.62
C GLN A 177 -14.02 -5.81 14.05
N VAL A 178 -13.87 -6.00 15.36
CA VAL A 178 -13.85 -7.32 15.98
C VAL A 178 -14.87 -7.30 17.11
N VAL A 179 -15.80 -8.24 17.13
CA VAL A 179 -16.77 -8.32 18.22
C VAL A 179 -16.99 -9.76 18.62
N GLU A 180 -17.81 -9.98 19.63
CA GLU A 180 -18.20 -11.32 20.03
C GLU A 180 -19.05 -11.98 18.95
N SER A 181 -18.96 -13.30 18.85
CA SER A 181 -19.77 -14.03 17.87
C SER A 181 -21.24 -13.69 18.03
N SER A 182 -21.71 -13.68 19.27
CA SER A 182 -23.12 -13.35 19.56
C SER A 182 -23.53 -11.96 19.05
N ALA A 183 -22.60 -11.00 19.10
CA ALA A 183 -22.87 -9.61 18.73
C ALA A 183 -22.71 -9.31 17.25
N LEU A 184 -22.04 -10.20 16.53
CA LEU A 184 -21.50 -9.91 15.19
C LEU A 184 -22.55 -9.44 14.20
N LEU A 185 -23.64 -10.18 14.06
CA LEU A 185 -24.60 -9.87 13.01
C LEU A 185 -25.23 -8.49 13.21
N ASP A 186 -25.71 -8.23 14.44
CA ASP A 186 -26.29 -6.92 14.79
C ASP A 186 -25.30 -5.80 14.49
N ALA A 187 -24.04 -5.99 14.87
CA ALA A 187 -22.98 -5.02 14.57
C ALA A 187 -22.88 -4.71 13.07
N ALA A 188 -22.93 -5.77 12.26
CA ALA A 188 -22.81 -5.63 10.81
C ALA A 188 -23.99 -4.86 10.26
N ILE A 189 -25.18 -5.23 10.71
CA ILE A 189 -26.41 -4.56 10.29
C ILE A 189 -26.36 -3.06 10.60
N THR A 190 -25.82 -2.71 11.77
CA THR A 190 -25.75 -1.31 12.19
C THR A 190 -24.89 -0.52 11.22
N GLN A 191 -23.69 -1.03 10.97
CA GLN A 191 -22.81 -0.47 9.95
C GLN A 191 -23.52 -0.27 8.63
N ALA A 192 -24.34 -1.25 8.26
CA ALA A 192 -25.11 -1.19 7.02
C ALA A 192 -26.15 -0.08 7.07
N HIS A 193 -26.85 0.06 8.19
CA HIS A 193 -27.80 1.16 8.34
C HIS A 193 -27.12 2.53 8.24
N VAL A 194 -25.93 2.63 8.81
CA VAL A 194 -25.13 3.84 8.79
C VAL A 194 -24.78 4.25 7.36
N MET A 195 -24.18 3.31 6.62
CA MET A 195 -23.82 3.57 5.21
C MET A 195 -25.06 3.74 4.32
N ALA A 196 -26.14 3.03 4.66
CA ALA A 196 -27.41 3.14 3.92
C ALA A 196 -28.02 4.53 4.04
N SER A 197 -27.70 5.23 5.13
CA SER A 197 -28.22 6.57 5.34
C SER A 197 -27.47 7.63 4.53
N TYR A 198 -26.34 7.30 3.90
CA TYR A 198 -25.66 8.27 3.05
C TYR A 198 -26.42 8.42 1.74
N PRO A 199 -26.70 9.67 1.32
CA PRO A 199 -27.34 9.94 0.03
C PRO A 199 -26.86 9.01 -1.07
N ALA A 200 -27.82 8.41 -1.78
CA ALA A 200 -27.55 7.36 -2.77
C ALA A 200 -26.81 7.84 -4.02
N SER A 201 -27.21 8.99 -4.55
CA SER A 201 -26.57 9.55 -5.75
C SER A 201 -25.06 9.63 -5.52
N ALA A 202 -24.67 10.29 -4.43
CA ALA A 202 -23.25 10.43 -4.03
C ALA A 202 -22.54 9.08 -3.89
N PHE A 203 -23.14 8.19 -3.11
CA PHE A 203 -22.44 6.96 -2.73
C PHE A 203 -22.24 6.02 -3.89
N ILE A 204 -23.19 5.99 -4.82
CA ILE A 204 -23.11 5.05 -5.93
C ILE A 204 -22.01 5.47 -6.92
N ASN A 205 -21.98 6.76 -7.27
CA ASN A 205 -20.98 7.25 -8.20
C ASN A 205 -19.57 7.20 -7.65
N THR A 206 -19.43 7.41 -6.34
CA THR A 206 -18.13 7.32 -5.68
C THR A 206 -17.65 5.87 -5.63
N LYS A 207 -18.53 4.97 -5.17
CA LYS A 207 -18.19 3.55 -5.08
C LYS A 207 -17.77 3.02 -6.44
N ARG A 208 -18.50 3.41 -7.48
CA ARG A 208 -18.16 3.00 -8.84
C ARG A 208 -16.73 3.38 -9.18
N ALA A 209 -16.39 4.65 -8.95
CA ALA A 209 -15.05 5.18 -9.18
C ALA A 209 -14.01 4.41 -8.39
N VAL A 210 -14.35 4.10 -7.14
CA VAL A 210 -13.43 3.43 -6.23
C VAL A 210 -13.13 2.02 -6.73
N ASN A 211 -14.19 1.26 -7.02
CA ASN A 211 -14.05 -0.15 -7.39
C ASN A 211 -13.60 -0.39 -8.83
N LYS A 212 -13.58 0.65 -9.66
CA LYS A 212 -13.19 0.48 -11.06
C LYS A 212 -11.81 -0.16 -11.21
N PRO A 213 -10.77 0.45 -10.63
CA PRO A 213 -9.44 -0.16 -10.73
C PRO A 213 -9.37 -1.59 -10.20
N PHE A 214 -10.14 -1.88 -9.16
CA PHE A 214 -10.22 -3.22 -8.58
C PHE A 214 -10.79 -4.19 -9.61
N ILE A 215 -11.91 -3.81 -10.22
CA ILE A 215 -12.52 -4.65 -11.24
C ILE A 215 -11.55 -4.90 -12.40
N HIS A 216 -10.94 -3.83 -12.85
CA HIS A 216 -9.98 -3.85 -13.94
C HIS A 216 -8.80 -4.77 -13.63
N LEU A 217 -8.33 -4.74 -12.38
CA LEU A 217 -7.26 -5.63 -11.94
C LEU A 217 -7.70 -7.05 -12.15
N LEU A 218 -8.82 -7.39 -11.51
CA LEU A 218 -9.37 -8.74 -11.59
C LEU A 218 -9.53 -9.24 -13.03
N GLU A 219 -9.95 -8.36 -13.93
CA GLU A 219 -10.10 -8.72 -15.32
C GLU A 219 -8.74 -9.06 -15.97
N GLN A 220 -7.71 -8.28 -15.62
CA GLN A 220 -6.36 -8.51 -16.15
C GLN A 220 -5.79 -9.81 -15.59
N THR A 221 -6.08 -10.10 -14.33
CA THR A 221 -5.57 -11.31 -13.67
C THR A 221 -6.13 -12.58 -14.29
N ARG A 222 -7.35 -12.49 -14.79
CA ARG A 222 -8.05 -13.61 -15.40
C ARG A 222 -7.15 -14.50 -16.26
N ASP A 223 -6.63 -13.96 -17.34
CA ASP A 223 -5.84 -14.78 -18.28
C ASP A 223 -4.60 -15.42 -17.63
N ALA A 224 -3.72 -14.59 -17.09
CA ALA A 224 -2.45 -15.06 -16.50
C ALA A 224 -2.63 -16.12 -15.40
N SER A 225 -3.71 -16.02 -14.62
CA SER A 225 -3.99 -16.96 -13.53
C SER A 225 -4.41 -18.32 -14.04
N LYS A 226 -5.17 -18.32 -15.13
CA LYS A 226 -5.48 -19.55 -15.86
C LYS A 226 -4.16 -20.27 -16.21
N ALA A 227 -3.11 -19.50 -16.49
CA ALA A 227 -1.80 -20.07 -16.82
C ALA A 227 -1.13 -20.80 -15.65
N VAL A 228 -1.16 -20.21 -14.45
CA VAL A 228 -0.46 -20.83 -13.30
C VAL A 228 -1.20 -22.08 -12.83
N HIS A 229 -2.53 -21.99 -12.76
CA HIS A 229 -3.35 -23.09 -12.29
C HIS A 229 -3.37 -24.25 -13.31
N LYS A 230 -3.41 -23.95 -14.61
CA LYS A 230 -3.21 -25.03 -15.60
C LYS A 230 -1.88 -25.76 -15.30
N ALA A 231 -0.81 -25.02 -15.09
CA ALA A 231 0.52 -25.59 -14.87
C ALA A 231 0.69 -26.27 -13.50
N ALA A 232 0.07 -25.68 -12.47
CA ALA A 232 0.12 -26.23 -11.11
C ALA A 232 -0.61 -27.55 -11.04
N PHE A 233 -1.85 -27.61 -11.55
CA PHE A 233 -2.65 -28.82 -11.46
C PHE A 233 -2.06 -29.91 -12.37
N GLN A 234 -0.94 -30.45 -11.92
CA GLN A 234 -0.39 -31.68 -12.45
C GLN A 234 0.66 -32.16 -11.44
N ALA A 235 0.21 -33.07 -10.56
CA ALA A 235 1.01 -33.56 -9.43
C ALA A 235 0.70 -35.05 -9.19
N MET B 1 -4.93 36.68 0.68
CA MET B 1 -5.36 35.73 1.77
C MET B 1 -4.26 34.79 2.28
N VAL B 2 -2.99 35.17 2.10
CA VAL B 2 -1.85 34.45 2.67
C VAL B 2 -0.78 35.46 3.05
N PHE B 3 -0.23 35.30 4.25
CA PHE B 3 0.91 36.09 4.67
C PHE B 3 2.19 35.23 4.53
N GLU B 4 3.19 35.77 3.85
CA GLU B 4 4.46 35.10 3.57
C GLU B 4 5.56 35.67 4.46
N GLU B 5 6.05 34.86 5.41
CA GLU B 5 7.15 35.22 6.31
C GLU B 5 8.42 34.40 5.97
N ASN B 6 9.53 34.71 6.64
CA ASN B 6 10.77 33.93 6.51
C ASN B 6 11.47 33.57 7.83
N SER B 7 11.79 32.29 7.99
CA SER B 7 12.73 31.82 9.00
C SER B 7 14.04 31.43 8.30
N ASP B 8 14.80 32.45 7.90
CA ASP B 8 15.98 32.29 7.04
C ASP B 8 15.60 31.62 5.74
N GLU B 9 16.26 30.52 5.39
CA GLU B 9 16.02 29.91 4.08
C GLU B 9 14.63 29.29 3.97
N VAL B 10 13.90 29.23 5.10
CA VAL B 10 12.55 28.67 5.13
C VAL B 10 11.52 29.78 4.88
N ARG B 11 10.64 29.56 3.91
CA ARG B 11 9.48 30.40 3.67
C ARG B 11 8.27 29.80 4.37
N VAL B 12 7.54 30.65 5.10
CA VAL B 12 6.35 30.21 5.83
C VAL B 12 5.12 30.90 5.25
N ILE B 13 4.23 30.11 4.67
CA ILE B 13 2.98 30.62 4.12
C ILE B 13 1.82 30.34 5.09
N THR B 14 1.20 31.41 5.59
CA THR B 14 0.14 31.30 6.58
C THR B 14 -1.19 31.68 5.97
N LEU B 15 -2.12 30.73 5.95
CA LEU B 15 -3.42 30.94 5.33
C LEU B 15 -4.21 31.96 6.11
N ASP B 16 -4.87 32.84 5.37
CA ASP B 16 -5.49 34.00 5.95
C ASP B 16 -6.82 34.36 5.29
N HIS B 17 -7.74 33.41 5.28
CA HIS B 17 -9.10 33.68 4.86
C HIS B 17 -9.75 34.50 5.98
N PRO B 18 -10.67 35.40 5.63
CA PRO B 18 -11.47 36.06 6.67
C PRO B 18 -12.02 35.07 7.71
N ASN B 19 -12.45 33.90 7.24
CA ASN B 19 -12.96 32.86 8.12
C ASN B 19 -11.83 32.08 8.77
N LYS B 20 -11.89 31.93 10.10
CA LYS B 20 -10.79 31.31 10.84
C LYS B 20 -10.57 29.85 10.53
N HIS B 21 -11.50 29.23 9.79
CA HIS B 21 -11.34 27.86 9.34
C HIS B 21 -10.74 27.71 7.93
N ASN B 22 -10.27 28.82 7.37
CA ASN B 22 -9.54 28.80 6.10
C ASN B 22 -10.22 27.90 5.05
N PRO B 23 -11.49 28.19 4.72
CA PRO B 23 -12.15 27.41 3.69
C PRO B 23 -11.53 27.76 2.36
N PHE B 24 -11.43 26.78 1.46
CA PHE B 24 -10.87 27.06 0.15
C PHE B 24 -11.92 27.69 -0.76
N SER B 25 -11.95 29.01 -0.73
CA SER B 25 -12.65 29.79 -1.71
C SER B 25 -11.72 29.91 -2.89
N ARG B 26 -12.27 30.33 -4.02
CA ARG B 26 -11.47 30.58 -5.21
C ARG B 26 -10.32 31.55 -4.92
N THR B 27 -10.61 32.63 -4.20
CA THR B 27 -9.59 33.63 -3.89
C THR B 27 -8.42 33.01 -3.12
N LEU B 28 -8.74 32.14 -2.16
CA LEU B 28 -7.70 31.55 -1.33
C LEU B 28 -6.83 30.62 -2.15
N GLU B 29 -7.43 29.81 -3.01
CA GLU B 29 -6.67 28.93 -3.91
C GLU B 29 -5.63 29.72 -4.65
N THR B 30 -6.08 30.81 -5.27
CA THR B 30 -5.25 31.72 -6.05
C THR B 30 -4.03 32.16 -5.25
N SER B 31 -4.27 32.72 -4.06
CA SER B 31 -3.20 33.22 -3.21
C SER B 31 -2.18 32.14 -2.93
N VAL B 32 -2.69 30.97 -2.53
CA VAL B 32 -1.86 29.82 -2.15
C VAL B 32 -1.02 29.36 -3.34
N LYS B 33 -1.62 29.33 -4.52
CA LYS B 33 -0.92 28.93 -5.73
C LYS B 33 0.19 29.93 -6.05
N ASP B 34 -0.16 31.22 -5.99
CA ASP B 34 0.78 32.30 -6.28
C ASP B 34 1.95 32.37 -5.30
N ALA B 35 1.67 32.11 -4.02
CA ALA B 35 2.72 32.09 -2.99
C ALA B 35 3.66 30.91 -3.19
N LEU B 36 3.10 29.78 -3.58
CA LEU B 36 3.88 28.59 -3.93
C LEU B 36 4.78 28.83 -5.15
N ALA B 37 4.25 29.52 -6.15
CA ALA B 37 5.02 29.84 -7.35
C ALA B 37 6.24 30.67 -6.97
N ARG B 38 6.00 31.76 -6.25
CA ARG B 38 7.07 32.65 -5.80
C ARG B 38 8.13 31.93 -4.98
N ALA B 39 7.68 31.11 -4.04
CA ALA B 39 8.58 30.36 -3.17
C ALA B 39 9.47 29.41 -3.96
N ASN B 40 8.88 28.75 -4.96
CA ASN B 40 9.60 27.82 -5.81
C ASN B 40 10.57 28.57 -6.73
N ALA B 41 10.13 29.73 -7.22
CA ALA B 41 10.96 30.54 -8.10
C ALA B 41 12.04 31.32 -7.37
N ASP B 42 11.91 31.49 -6.05
CA ASP B 42 12.84 32.30 -5.27
C ASP B 42 14.03 31.47 -4.79
N ASP B 43 15.23 31.92 -5.15
CA ASP B 43 16.44 31.19 -4.79
C ASP B 43 16.75 31.27 -3.30
N SER B 44 16.43 32.39 -2.67
CA SER B 44 16.62 32.56 -1.23
C SER B 44 15.81 31.55 -0.43
N VAL B 45 14.73 31.03 -1.02
CA VAL B 45 13.92 30.00 -0.38
C VAL B 45 14.49 28.62 -0.69
N ARG B 46 14.66 27.80 0.35
CA ARG B 46 15.12 26.41 0.20
C ARG B 46 14.14 25.37 0.76
N ALA B 47 13.08 25.83 1.44
CA ALA B 47 12.05 24.94 1.97
C ALA B 47 10.78 25.75 2.33
N VAL B 48 9.64 25.08 2.34
CA VAL B 48 8.34 25.74 2.51
C VAL B 48 7.48 25.07 3.58
N VAL B 49 6.92 25.89 4.46
CA VAL B 49 5.94 25.45 5.46
C VAL B 49 4.60 26.19 5.21
N VAL B 50 3.52 25.42 5.11
CA VAL B 50 2.18 25.98 4.97
C VAL B 50 1.45 25.74 6.28
N TYR B 51 0.75 26.77 6.76
CA TYR B 51 0.19 26.76 8.12
C TYR B 51 -1.16 27.48 8.16
N GLY B 52 -2.10 26.93 8.93
CA GLY B 52 -3.43 27.52 9.04
C GLY B 52 -3.47 28.81 9.82
N GLY B 53 -2.52 28.97 10.74
CA GLY B 53 -2.47 30.12 11.62
C GLY B 53 -2.79 29.69 13.04
N ALA B 54 -2.34 30.48 14.01
CA ALA B 54 -2.62 30.25 15.41
C ALA B 54 -4.12 30.44 15.67
N GLU B 55 -4.73 29.54 16.42
CA GLU B 55 -6.18 29.58 16.72
C GLU B 55 -7.07 29.46 15.47
N ARG B 56 -6.54 28.80 14.43
CA ARG B 56 -7.18 28.73 13.13
C ARG B 56 -6.99 27.34 12.55
N SER B 57 -7.95 26.92 11.72
CA SER B 57 -7.87 25.63 11.04
C SER B 57 -6.91 25.70 9.86
N PHE B 58 -6.22 24.59 9.62
CA PHE B 58 -5.42 24.39 8.41
C PHE B 58 -6.32 24.71 7.22
N SER B 59 -7.45 24.01 7.14
CA SER B 59 -8.53 24.32 6.21
C SER B 59 -9.68 23.35 6.39
N ALA B 60 -10.89 23.88 6.51
CA ALA B 60 -12.08 23.05 6.54
C ALA B 60 -12.58 22.73 5.13
N GLY B 61 -11.77 23.05 4.11
CA GLY B 61 -12.09 22.71 2.73
C GLY B 61 -13.21 23.56 2.15
N GLY B 62 -13.79 23.07 1.07
CA GLY B 62 -14.83 23.81 0.35
C GLY B 62 -16.18 23.71 1.02
N ASP B 63 -17.07 24.62 0.68
CA ASP B 63 -18.41 24.67 1.29
C ASP B 63 -19.38 23.70 0.61
N PHE B 64 -19.90 22.76 1.38
CA PHE B 64 -20.72 21.67 0.83
C PHE B 64 -22.10 22.15 0.32
N ASN B 65 -22.52 23.36 0.75
CA ASN B 65 -23.71 24.01 0.19
C ASN B 65 -23.46 24.49 -1.24
N GLU B 66 -22.28 25.05 -1.49
CA GLU B 66 -21.87 25.47 -2.84
C GLU B 66 -21.61 24.27 -3.76
N VAL B 67 -20.97 23.24 -3.24
CA VAL B 67 -20.72 22.06 -4.04
C VAL B 67 -22.06 21.51 -4.53
N LYS B 68 -22.97 21.24 -3.60
CA LYS B 68 -24.28 20.66 -3.94
C LYS B 68 -25.12 21.56 -4.86
N GLN B 69 -24.73 22.83 -4.95
CA GLN B 69 -25.32 23.79 -5.88
C GLN B 69 -24.99 23.41 -7.32
N LEU B 70 -23.71 23.16 -7.60
CA LEU B 70 -23.22 22.95 -8.96
C LEU B 70 -24.02 21.93 -9.76
N SER B 71 -24.86 22.41 -10.67
CA SER B 71 -25.63 21.55 -11.57
C SER B 71 -25.16 21.64 -13.03
N ARG B 72 -24.61 22.80 -13.41
CA ARG B 72 -24.18 23.03 -14.78
C ARG B 72 -22.86 22.29 -15.02
N SER B 73 -22.76 21.62 -16.17
CA SER B 73 -21.64 20.71 -16.42
C SER B 73 -20.31 21.44 -16.52
N GLU B 74 -20.34 22.66 -17.03
CA GLU B 74 -19.15 23.51 -17.00
C GLU B 74 -18.72 23.77 -15.56
N ASP B 75 -19.60 24.37 -14.77
CA ASP B 75 -19.31 24.71 -13.37
C ASP B 75 -18.65 23.57 -12.63
N ILE B 76 -19.20 22.38 -12.79
CA ILE B 76 -18.61 21.19 -12.17
C ILE B 76 -17.16 20.99 -12.64
N GLU B 77 -16.97 21.03 -13.96
CA GLU B 77 -15.66 20.81 -14.57
C GLU B 77 -14.64 21.84 -14.13
N GLU B 78 -14.96 23.12 -14.30
CA GLU B 78 -14.03 24.19 -13.93
C GLU B 78 -13.66 24.10 -12.46
N TRP B 79 -14.63 23.75 -11.63
CA TRP B 79 -14.35 23.56 -10.21
C TRP B 79 -13.38 22.40 -9.99
N ILE B 80 -13.63 21.26 -10.65
CA ILE B 80 -12.72 20.12 -10.53
C ILE B 80 -11.31 20.48 -11.00
N ASP B 81 -11.22 21.12 -12.17
CA ASP B 81 -9.93 21.55 -12.68
C ASP B 81 -9.21 22.42 -11.67
N ARG B 82 -9.93 23.36 -11.06
CA ARG B 82 -9.35 24.21 -10.01
C ARG B 82 -8.75 23.37 -8.89
N VAL B 83 -9.57 22.50 -8.35
CA VAL B 83 -9.18 21.68 -7.22
C VAL B 83 -7.87 20.96 -7.51
N ILE B 84 -7.80 20.26 -8.63
CA ILE B 84 -6.61 19.51 -9.01
C ILE B 84 -5.40 20.44 -9.17
N ASP B 85 -5.59 21.52 -9.93
CA ASP B 85 -4.55 22.52 -10.15
C ASP B 85 -3.88 22.97 -8.86
N LEU B 86 -4.69 23.13 -7.82
CA LEU B 86 -4.20 23.46 -6.48
C LEU B 86 -3.27 22.35 -5.97
N TYR B 87 -3.74 21.10 -6.04
CA TYR B 87 -2.98 19.97 -5.56
C TYR B 87 -1.69 19.78 -6.35
N GLN B 88 -1.79 19.93 -7.67
CA GLN B 88 -0.60 19.89 -8.53
C GLN B 88 0.39 20.99 -8.13
N ALA B 89 -0.13 22.20 -7.89
CA ALA B 89 0.69 23.34 -7.47
C ALA B 89 1.63 23.01 -6.31
N VAL B 90 1.16 22.19 -5.38
CA VAL B 90 1.97 21.76 -4.26
C VAL B 90 2.98 20.72 -4.74
N LEU B 91 2.50 19.75 -5.51
CA LEU B 91 3.36 18.65 -5.97
C LEU B 91 4.52 19.13 -6.84
N ASN B 92 4.35 20.26 -7.50
CA ASN B 92 5.35 20.78 -8.41
C ASN B 92 6.33 21.73 -7.75
N VAL B 93 6.21 21.93 -6.43
CA VAL B 93 7.22 22.69 -5.71
C VAL B 93 8.45 21.81 -5.54
N ASN B 94 9.55 22.23 -6.16
CA ASN B 94 10.78 21.42 -6.20
C ASN B 94 11.65 21.43 -4.92
N LYS B 95 11.16 22.09 -3.87
CA LYS B 95 11.85 22.17 -2.60
C LYS B 95 11.01 21.42 -1.56
N PRO B 96 11.58 21.14 -0.38
CA PRO B 96 10.83 20.44 0.66
C PRO B 96 9.56 21.18 1.08
N THR B 97 8.50 20.43 1.39
CA THR B 97 7.23 21.03 1.80
C THR B 97 6.64 20.39 3.06
N ILE B 98 6.48 21.20 4.11
CA ILE B 98 5.91 20.75 5.38
C ILE B 98 4.52 21.34 5.59
N ALA B 99 3.57 20.55 6.05
CA ALA B 99 2.24 21.05 6.35
C ALA B 99 2.03 21.02 7.86
N ALA B 100 1.85 22.20 8.45
CA ALA B 100 1.63 22.34 9.89
C ALA B 100 0.13 22.42 10.18
N VAL B 101 -0.43 21.31 10.66
CA VAL B 101 -1.88 21.17 10.79
C VAL B 101 -2.38 21.36 12.23
N ASP B 102 -3.18 22.40 12.41
CA ASP B 102 -3.95 22.58 13.62
C ASP B 102 -5.42 22.72 13.22
N GLY B 103 -6.32 22.64 14.20
CA GLY B 103 -7.74 22.73 13.94
C GLY B 103 -8.25 21.57 13.12
N TYR B 104 -8.98 21.89 12.05
CA TYR B 104 -9.58 20.89 11.20
C TYR B 104 -8.94 20.88 9.84
N ALA B 105 -8.70 19.68 9.33
CA ALA B 105 -8.36 19.48 7.93
C ALA B 105 -9.44 18.60 7.33
N ILE B 106 -10.39 19.22 6.64
CA ILE B 106 -11.59 18.54 6.18
C ILE B 106 -11.65 18.46 4.65
N GLY B 107 -11.97 17.28 4.13
CA GLY B 107 -12.12 17.08 2.68
C GLY B 107 -10.97 17.66 1.88
N MET B 108 -11.21 18.81 1.26
CA MET B 108 -10.19 19.47 0.46
C MET B 108 -8.94 19.78 1.27
N GLY B 109 -9.14 20.04 2.54
CA GLY B 109 -8.04 20.34 3.44
C GLY B 109 -7.22 19.11 3.81
N PHE B 110 -7.92 18.00 4.00
CA PHE B 110 -7.29 16.68 4.17
C PHE B 110 -6.44 16.38 2.92
N GLN B 111 -7.05 16.51 1.75
CA GLN B 111 -6.40 16.15 0.49
C GLN B 111 -5.21 17.05 0.21
N PHE B 112 -5.44 18.35 0.32
CA PHE B 112 -4.39 19.35 0.16
C PHE B 112 -3.17 18.99 1.00
N ALA B 113 -3.40 18.61 2.26
CA ALA B 113 -2.33 18.21 3.19
C ALA B 113 -1.53 17.00 2.70
N LEU B 114 -2.21 16.04 2.09
CA LEU B 114 -1.55 14.84 1.56
C LEU B 114 -0.57 15.14 0.40
N MET B 115 -0.62 16.33 -0.17
CA MET B 115 0.30 16.70 -1.25
C MET B 115 1.71 17.04 -0.76
N PHE B 116 1.84 17.27 0.55
CA PHE B 116 3.09 17.73 1.14
C PHE B 116 4.04 16.56 1.41
N ASP B 117 5.33 16.88 1.53
CA ASP B 117 6.35 15.87 1.78
C ASP B 117 6.25 15.36 3.22
N GLN B 118 5.90 16.26 4.13
CA GLN B 118 5.73 15.89 5.53
C GLN B 118 4.53 16.58 6.15
N ARG B 119 4.01 15.99 7.21
CA ARG B 119 2.87 16.53 7.95
C ARG B 119 3.08 16.39 9.45
N LEU B 120 3.06 17.51 10.15
CA LEU B 120 2.95 17.46 11.60
C LEU B 120 1.59 18.04 11.96
N MET B 121 0.94 17.47 12.99
CA MET B 121 -0.34 18.01 13.48
C MET B 121 -0.27 18.31 14.97
N ALA B 122 -1.19 19.15 15.44
CA ALA B 122 -1.34 19.38 16.86
C ALA B 122 -2.02 18.17 17.49
N SER B 123 -1.73 17.92 18.77
CA SER B 123 -2.42 16.88 19.54
C SER B 123 -3.93 17.09 19.56
N THR B 124 -4.33 18.36 19.48
CA THR B 124 -5.72 18.77 19.57
C THR B 124 -6.42 18.89 18.20
N ALA B 125 -5.74 18.57 17.10
CA ALA B 125 -6.30 18.76 15.76
C ALA B 125 -7.11 17.56 15.29
N ASN B 126 -7.78 17.70 14.15
CA ASN B 126 -8.60 16.62 13.55
C ASN B 126 -8.57 16.59 12.02
N PHE B 127 -8.43 15.38 11.47
CA PHE B 127 -8.60 15.14 10.03
C PHE B 127 -9.98 14.55 9.79
N VAL B 128 -10.65 14.95 8.71
CA VAL B 128 -11.95 14.39 8.35
C VAL B 128 -12.14 14.34 6.83
N MET B 129 -12.77 13.27 6.34
CA MET B 129 -13.15 13.15 4.93
C MET B 129 -14.62 12.73 4.84
N PRO B 130 -15.54 13.64 5.23
CA PRO B 130 -16.94 13.30 5.48
C PRO B 130 -17.87 13.48 4.28
N GLU B 131 -17.33 13.51 3.07
CA GLU B 131 -18.11 13.84 1.89
C GLU B 131 -19.39 13.01 1.74
N LEU B 132 -19.28 11.68 1.83
CA LEU B 132 -20.41 10.80 1.57
C LEU B 132 -21.53 10.92 2.63
N LYS B 133 -21.13 11.18 3.87
CA LYS B 133 -22.06 11.49 4.96
C LYS B 133 -22.94 12.67 4.55
N HIS B 134 -22.35 13.68 3.91
CA HIS B 134 -23.05 14.89 3.51
C HIS B 134 -23.52 14.89 2.06
N GLY B 135 -23.42 13.75 1.39
CA GLY B 135 -23.94 13.62 0.02
C GLY B 135 -23.10 14.30 -1.03
N ILE B 136 -21.82 14.50 -0.74
CA ILE B 136 -20.85 15.01 -1.71
C ILE B 136 -20.03 13.86 -2.26
N GLY B 137 -19.71 13.92 -3.55
CA GLY B 137 -18.92 12.88 -4.20
C GLY B 137 -17.51 12.90 -3.69
N CYS B 138 -16.79 11.80 -3.88
CA CYS B 138 -15.51 11.60 -3.23
C CYS B 138 -14.51 10.80 -4.09
N SER B 139 -14.67 10.85 -5.41
CA SER B 139 -13.72 10.16 -6.30
C SER B 139 -12.31 10.69 -6.07
N VAL B 140 -12.20 12.02 -5.99
CA VAL B 140 -10.90 12.68 -5.87
C VAL B 140 -10.21 12.32 -4.57
N GLY B 141 -10.94 12.46 -3.46
CA GLY B 141 -10.43 12.09 -2.16
C GLY B 141 -9.96 10.65 -2.12
N ALA B 142 -10.81 9.73 -2.56
CA ALA B 142 -10.45 8.32 -2.59
C ALA B 142 -9.23 8.04 -3.49
N ALA B 143 -9.21 8.58 -4.71
CA ALA B 143 -8.09 8.41 -5.63
C ALA B 143 -6.77 8.74 -4.95
N ILE B 144 -6.74 9.92 -4.32
CA ILE B 144 -5.56 10.42 -3.62
C ILE B 144 -5.18 9.46 -2.51
N LEU B 145 -6.14 9.22 -1.63
CA LEU B 145 -5.89 8.48 -0.40
C LEU B 145 -5.50 7.03 -0.67
N GLY B 146 -6.13 6.43 -1.68
CA GLY B 146 -5.74 5.11 -2.16
C GLY B 146 -4.29 5.09 -2.59
N PHE B 147 -3.84 6.16 -3.24
CA PHE B 147 -2.47 6.24 -3.74
C PHE B 147 -1.43 6.43 -2.65
N THR B 148 -1.76 7.30 -1.70
CA THR B 148 -0.83 7.67 -0.63
C THR B 148 -0.78 6.62 0.48
N HIS B 149 -1.91 5.96 0.75
CA HIS B 149 -2.03 5.12 1.94
C HIS B 149 -2.63 3.75 1.73
N GLY B 150 -2.94 3.39 0.49
CA GLY B 150 -3.45 2.05 0.22
C GLY B 150 -4.94 1.97 0.06
N PHE B 151 -5.39 0.92 -0.62
CA PHE B 151 -6.81 0.74 -0.92
C PHE B 151 -7.65 0.58 0.36
N SER B 152 -7.32 -0.41 1.17
CA SER B 152 -8.18 -0.76 2.31
C SER B 152 -8.22 0.34 3.37
N THR B 153 -7.13 1.09 3.52
CA THR B 153 -7.12 2.21 4.45
C THR B 153 -8.04 3.32 3.98
N MET B 154 -7.93 3.63 2.70
CA MET B 154 -8.80 4.61 2.07
C MET B 154 -10.26 4.21 2.21
N GLN B 155 -10.57 2.95 1.86
CA GLN B 155 -11.92 2.42 2.02
C GLN B 155 -12.49 2.77 3.38
N GLU B 156 -11.75 2.39 4.42
CA GLU B 156 -12.18 2.57 5.79
C GLU B 156 -12.49 4.03 6.07
N ILE B 157 -11.57 4.90 5.71
CA ILE B 157 -11.71 6.33 6.00
C ILE B 157 -12.94 6.92 5.32
N ILE B 158 -13.00 6.85 3.99
CA ILE B 158 -14.11 7.49 3.28
C ILE B 158 -15.49 6.90 3.59
N TYR B 159 -15.55 5.59 3.87
CA TYR B 159 -16.85 4.92 4.14
C TYR B 159 -17.31 5.11 5.59
N GLN B 160 -16.36 5.26 6.51
CA GLN B 160 -16.70 5.50 7.92
C GLN B 160 -17.01 6.97 8.21
N CYS B 161 -16.38 7.89 7.48
CA CYS B 161 -16.58 9.34 7.68
C CYS B 161 -16.43 9.75 9.12
N GLN B 162 -15.31 9.40 9.74
CA GLN B 162 -15.12 9.77 11.14
C GLN B 162 -14.15 10.93 11.29
N SER B 163 -14.21 11.52 12.48
CA SER B 163 -13.31 12.57 12.87
C SER B 163 -12.08 11.92 13.47
N LEU B 164 -10.98 12.01 12.74
CA LEU B 164 -9.75 11.39 13.15
C LEU B 164 -8.98 12.40 13.99
N ASP B 165 -8.89 12.14 15.29
CA ASP B 165 -7.99 12.88 16.17
C ASP B 165 -6.56 12.38 15.94
N ALA B 166 -5.61 12.91 16.71
CA ALA B 166 -4.20 12.62 16.48
C ALA B 166 -3.82 11.14 16.66
N PRO B 167 -4.19 10.53 17.80
CA PRO B 167 -3.92 9.10 18.00
C PRO B 167 -4.33 8.23 16.82
N ARG B 168 -5.45 8.58 16.20
CA ARG B 168 -5.98 7.87 15.05
C ARG B 168 -5.16 8.11 13.79
N CYS B 169 -4.72 9.35 13.60
CA CYS B 169 -3.89 9.71 12.45
C CYS B 169 -2.55 9.03 12.51
N VAL B 170 -1.99 8.93 13.72
CA VAL B 170 -0.73 8.24 13.93
C VAL B 170 -0.91 6.77 13.57
N ASP B 171 -1.99 6.18 14.08
CA ASP B 171 -2.36 4.82 13.77
C ASP B 171 -2.50 4.56 12.25
N TYR B 172 -3.06 5.54 11.52
CA TYR B 172 -3.15 5.45 10.05
C TYR B 172 -1.85 5.83 9.33
N ARG B 173 -0.88 6.39 10.06
CA ARG B 173 0.33 6.97 9.48
C ARG B 173 0.01 8.12 8.52
N LEU B 174 -0.94 8.96 8.94
CA LEU B 174 -1.30 10.16 8.18
C LEU B 174 -0.36 11.34 8.46
N VAL B 175 0.37 11.30 9.56
CA VAL B 175 1.26 12.39 9.91
C VAL B 175 2.59 11.84 10.35
N ASN B 176 3.62 12.68 10.33
CA ASN B 176 4.95 12.28 10.76
C ASN B 176 5.23 12.67 12.21
N GLN B 177 4.40 13.56 12.76
CA GLN B 177 4.60 14.03 14.11
C GLN B 177 3.33 14.63 14.70
N VAL B 178 3.23 14.53 16.02
CA VAL B 178 2.15 15.15 16.79
C VAL B 178 2.79 15.96 17.89
N VAL B 179 2.45 17.25 17.99
CA VAL B 179 2.96 18.08 19.07
C VAL B 179 1.87 18.99 19.63
N GLU B 180 2.21 19.75 20.67
CA GLU B 180 1.30 20.73 21.22
C GLU B 180 1.06 21.83 20.21
N SER B 181 -0.15 22.42 20.25
CA SER B 181 -0.48 23.54 19.36
C SER B 181 0.56 24.65 19.47
N SER B 182 0.93 25.00 20.70
CA SER B 182 1.94 26.03 20.92
C SER B 182 3.27 25.69 20.25
N ALA B 183 3.62 24.41 20.22
CA ALA B 183 4.92 23.96 19.69
C ALA B 183 4.95 23.75 18.18
N LEU B 184 3.77 23.65 17.57
CA LEU B 184 3.63 23.10 16.23
C LEU B 184 4.44 23.82 15.16
N LEU B 185 4.34 25.15 15.11
CA LEU B 185 4.98 25.89 14.03
C LEU B 185 6.49 25.74 14.06
N ASP B 186 7.09 25.97 15.23
CA ASP B 186 8.54 25.79 15.40
C ASP B 186 8.99 24.38 15.00
N ALA B 187 8.24 23.37 15.41
CA ALA B 187 8.51 21.98 15.02
C ALA B 187 8.55 21.81 13.49
N ALA B 188 7.59 22.42 12.80
CA ALA B 188 7.50 22.31 11.36
C ALA B 188 8.70 22.99 10.69
N ILE B 189 9.00 24.19 11.15
CA ILE B 189 10.14 24.95 10.64
C ILE B 189 11.45 24.17 10.80
N THR B 190 11.60 23.45 11.91
CA THR B 190 12.82 22.69 12.18
C THR B 190 12.99 21.57 11.15
N GLN B 191 11.92 20.81 10.96
CA GLN B 191 11.84 19.82 9.90
C GLN B 191 12.21 20.39 8.53
N ALA B 192 11.73 21.59 8.26
CA ALA B 192 12.03 22.29 7.02
C ALA B 192 13.51 22.65 6.93
N HIS B 193 14.12 23.13 8.02
CA HIS B 193 15.56 23.41 8.06
C HIS B 193 16.40 22.15 7.82
N VAL B 194 15.94 21.03 8.38
CA VAL B 194 16.59 19.72 8.21
C VAL B 194 16.60 19.29 6.74
N MET B 195 15.44 19.27 6.13
CA MET B 195 15.33 18.89 4.72
C MET B 195 16.00 19.92 3.80
N ALA B 196 15.97 21.19 4.21
CA ALA B 196 16.60 22.27 3.44
C ALA B 196 18.10 22.09 3.38
N SER B 197 18.66 21.42 4.38
CA SER B 197 20.10 21.18 4.43
C SER B 197 20.58 20.05 3.53
N TYR B 198 19.65 19.25 2.97
CA TYR B 198 20.01 18.26 1.97
C TYR B 198 20.37 18.96 0.67
N PRO B 199 21.48 18.55 0.01
CA PRO B 199 21.89 19.03 -1.31
C PRO B 199 20.74 19.12 -2.33
N ALA B 200 20.62 20.28 -2.99
CA ALA B 200 19.49 20.61 -3.85
C ALA B 200 19.38 19.75 -5.11
N SER B 201 20.50 19.51 -5.80
CA SER B 201 20.53 18.60 -6.93
C SER B 201 19.90 17.31 -6.52
N ALA B 202 20.53 16.65 -5.55
CA ALA B 202 20.08 15.35 -5.06
C ALA B 202 18.59 15.33 -4.76
N PHE B 203 18.13 16.34 -4.01
CA PHE B 203 16.75 16.38 -3.58
C PHE B 203 15.82 16.60 -4.76
N ILE B 204 16.04 17.71 -5.47
CA ILE B 204 15.14 18.13 -6.52
C ILE B 204 14.84 17.01 -7.52
N ASN B 205 15.88 16.33 -7.99
CA ASN B 205 15.67 15.26 -8.97
C ASN B 205 14.96 14.04 -8.40
N THR B 206 15.23 13.75 -7.13
CA THR B 206 14.57 12.64 -6.46
C THR B 206 13.09 12.97 -6.26
N LYS B 207 12.81 14.14 -5.69
CA LYS B 207 11.43 14.54 -5.43
C LYS B 207 10.63 14.50 -6.72
N ARG B 208 11.22 14.97 -7.81
CA ARG B 208 10.55 14.94 -9.11
C ARG B 208 10.13 13.53 -9.49
N ALA B 209 11.07 12.59 -9.38
CA ALA B 209 10.83 11.17 -9.65
C ALA B 209 9.74 10.62 -8.78
N VAL B 210 9.77 11.03 -7.51
CA VAL B 210 8.83 10.53 -6.51
C VAL B 210 7.42 10.99 -6.84
N ASN B 211 7.26 12.29 -7.07
CA ASN B 211 5.94 12.89 -7.26
C ASN B 211 5.36 12.69 -8.66
N LYS B 212 6.16 12.19 -9.60
CA LYS B 212 5.66 12.01 -10.96
C LYS B 212 4.41 11.13 -11.00
N PRO B 213 4.47 9.88 -10.49
CA PRO B 213 3.27 9.05 -10.50
C PRO B 213 2.07 9.68 -9.80
N PHE B 214 2.32 10.43 -8.74
CA PHE B 214 1.26 11.13 -8.03
C PHE B 214 0.58 12.13 -8.96
N ILE B 215 1.40 12.95 -9.62
CA ILE B 215 0.87 13.96 -10.54
C ILE B 215 0.05 13.27 -11.64
N HIS B 216 0.62 12.22 -12.20
CA HIS B 216 0.00 11.49 -13.28
C HIS B 216 -1.33 10.93 -12.83
N LEU B 217 -1.41 10.53 -11.57
CA LEU B 217 -2.66 10.04 -11.01
C LEU B 217 -3.69 11.17 -10.84
N LEU B 218 -3.25 12.33 -10.34
CA LEU B 218 -4.14 13.48 -10.24
C LEU B 218 -4.71 13.88 -11.60
N GLU B 219 -3.90 13.73 -12.65
CA GLU B 219 -4.33 14.10 -13.98
C GLU B 219 -5.40 13.16 -14.53
N GLN B 220 -5.31 11.89 -14.17
CA GLN B 220 -6.31 10.91 -14.59
C GLN B 220 -7.59 11.17 -13.88
N THR B 221 -7.46 11.34 -12.56
CA THR B 221 -8.58 11.62 -11.67
C THR B 221 -9.38 12.82 -12.15
N ARG B 222 -8.69 13.84 -12.67
CA ARG B 222 -9.37 15.00 -13.24
C ARG B 222 -10.31 14.57 -14.38
N ASP B 223 -9.72 14.01 -15.43
CA ASP B 223 -10.48 13.57 -16.61
C ASP B 223 -11.68 12.70 -16.19
N ALA B 224 -11.47 11.86 -15.18
CA ALA B 224 -12.50 10.93 -14.74
C ALA B 224 -13.56 11.60 -13.87
N SER B 225 -13.12 12.21 -12.76
CA SER B 225 -14.03 12.74 -11.74
C SER B 225 -15.11 13.65 -12.31
N LYS B 226 -14.86 14.21 -13.49
CA LYS B 226 -15.87 15.00 -14.20
C LYS B 226 -17.12 14.13 -14.43
N ALA B 227 -16.95 12.99 -15.09
CA ALA B 227 -18.03 12.04 -15.40
C ALA B 227 -18.87 11.54 -14.20
N VAL B 228 -18.27 11.45 -13.01
CA VAL B 228 -19.00 11.02 -11.77
C VAL B 228 -19.68 12.17 -10.98
N HIS B 229 -18.95 13.24 -10.65
CA HIS B 229 -19.58 14.45 -10.11
C HIS B 229 -20.62 15.01 -11.10
N LYS B 230 -20.48 14.68 -12.38
CA LYS B 230 -21.58 14.85 -13.36
C LYS B 230 -22.82 14.04 -12.96
N ALA B 231 -22.65 12.72 -12.86
CA ALA B 231 -23.80 11.80 -12.80
C ALA B 231 -24.49 11.75 -11.43
N MET C 1 34.10 -13.76 -3.14
CA MET C 1 33.62 -12.98 -1.96
C MET C 1 32.32 -13.50 -1.33
N VAL C 2 32.08 -14.81 -1.43
CA VAL C 2 30.98 -15.46 -0.70
C VAL C 2 31.35 -16.86 -0.20
N PHE C 3 30.56 -17.37 0.73
CA PHE C 3 30.60 -18.76 1.10
C PHE C 3 29.29 -19.39 0.71
N GLU C 4 29.36 -20.50 0.00
CA GLU C 4 28.15 -21.23 -0.28
C GLU C 4 28.13 -22.51 0.52
N GLU C 5 27.18 -22.62 1.43
CA GLU C 5 27.03 -23.82 2.25
C GLU C 5 25.63 -24.40 2.17
N ASN C 6 25.47 -25.57 2.78
CA ASN C 6 24.19 -26.26 2.73
C ASN C 6 23.65 -26.75 4.06
N SER C 7 22.42 -26.39 4.35
CA SER C 7 21.63 -27.03 5.38
C SER C 7 20.59 -27.92 4.69
N ASP C 8 21.06 -29.07 4.20
CA ASP C 8 20.26 -29.96 3.36
C ASP C 8 19.78 -29.19 2.14
N GLU C 9 18.47 -29.19 1.90
CA GLU C 9 17.93 -28.60 0.68
C GLU C 9 18.08 -27.07 0.63
N VAL C 10 18.50 -26.48 1.75
CA VAL C 10 18.72 -25.03 1.86
C VAL C 10 20.18 -24.67 1.54
N ARG C 11 20.35 -23.74 0.61
CA ARG C 11 21.65 -23.18 0.28
C ARG C 11 21.80 -21.88 1.06
N VAL C 12 22.95 -21.71 1.69
CA VAL C 12 23.23 -20.52 2.46
C VAL C 12 24.41 -19.76 1.87
N ILE C 13 24.12 -18.56 1.37
CA ILE C 13 25.15 -17.71 0.77
C ILE C 13 25.59 -16.65 1.75
N THR C 14 26.86 -16.66 2.13
CA THR C 14 27.38 -15.75 3.16
C THR C 14 28.33 -14.74 2.53
N LEU C 15 27.97 -13.47 2.58
CA LEU C 15 28.77 -12.41 1.97
C LEU C 15 30.12 -12.27 2.70
N ASP C 16 31.20 -12.23 1.94
CA ASP C 16 32.54 -12.20 2.52
C ASP C 16 33.46 -11.22 1.79
N HIS C 17 33.08 -9.95 1.79
CA HIS C 17 33.96 -8.88 1.33
C HIS C 17 35.08 -8.79 2.36
N PRO C 18 36.29 -8.44 1.94
CA PRO C 18 37.33 -8.15 2.91
C PRO C 18 36.83 -7.23 4.05
N ASN C 19 36.03 -6.25 3.71
CA ASN C 19 35.46 -5.34 4.68
C ASN C 19 34.26 -5.92 5.44
N LYS C 20 34.29 -5.79 6.76
CA LYS C 20 33.27 -6.44 7.62
C LYS C 20 31.85 -6.02 7.31
N HIS C 21 31.70 -4.86 6.66
CA HIS C 21 30.40 -4.30 6.34
C HIS C 21 29.88 -4.63 4.95
N ASN C 22 30.56 -5.57 4.28
CA ASN C 22 30.09 -6.13 3.01
C ASN C 22 29.57 -5.06 2.05
N PRO C 23 30.43 -4.06 1.73
CA PRO C 23 30.00 -3.06 0.78
C PRO C 23 29.89 -3.69 -0.58
N PHE C 24 28.93 -3.24 -1.39
CA PHE C 24 28.77 -3.80 -2.73
C PHE C 24 29.78 -3.20 -3.70
N SER C 25 30.94 -3.83 -3.77
CA SER C 25 31.90 -3.53 -4.80
C SER C 25 31.49 -4.30 -6.03
N ARG C 26 32.10 -3.96 -7.15
CA ARG C 26 31.86 -4.67 -8.41
C ARG C 26 32.09 -6.16 -8.24
N THR C 27 33.15 -6.52 -7.53
CA THR C 27 33.49 -7.92 -7.34
C THR C 27 32.43 -8.67 -6.57
N LEU C 28 31.91 -8.04 -5.52
CA LEU C 28 30.93 -8.67 -4.67
C LEU C 28 29.61 -8.88 -5.43
N GLU C 29 29.20 -7.87 -6.20
CA GLU C 29 28.05 -8.01 -7.10
C GLU C 29 28.13 -9.32 -7.81
N THR C 30 29.23 -9.45 -8.54
CA THR C 30 29.52 -10.58 -9.39
C THR C 30 29.33 -11.92 -8.68
N SER C 31 30.02 -12.07 -7.55
CA SER C 31 29.95 -13.29 -6.76
C SER C 31 28.51 -13.62 -6.36
N VAL C 32 27.81 -12.60 -5.86
CA VAL C 32 26.44 -12.76 -5.37
C VAL C 32 25.53 -13.21 -6.52
N LYS C 33 25.71 -12.61 -7.69
CA LYS C 33 24.92 -12.96 -8.86
C LYS C 33 25.21 -14.40 -9.29
N ASP C 34 26.49 -14.75 -9.34
CA ASP C 34 26.92 -16.08 -9.73
C ASP C 34 26.45 -17.16 -8.76
N ALA C 35 26.47 -16.87 -7.47
CA ALA C 35 25.99 -17.82 -6.45
C ALA C 35 24.48 -18.02 -6.54
N LEU C 36 23.77 -16.94 -6.83
CA LEU C 36 22.34 -17.01 -7.06
C LEU C 36 21.99 -17.83 -8.30
N ALA C 37 22.78 -17.69 -9.35
CA ALA C 37 22.57 -18.42 -10.59
C ALA C 37 22.69 -19.90 -10.33
N ARG C 38 23.80 -20.29 -9.70
CA ARG C 38 24.05 -21.69 -9.35
C ARG C 38 22.95 -22.28 -8.48
N ALA C 39 22.55 -21.55 -7.45
CA ALA C 39 21.52 -22.01 -6.53
C ALA C 39 20.19 -22.26 -7.24
N ASN C 40 19.84 -21.36 -8.15
CA ASN C 40 18.61 -21.45 -8.92
C ASN C 40 18.70 -22.60 -9.92
N ALA C 41 19.87 -22.80 -10.50
CA ALA C 41 20.09 -23.88 -11.47
C ALA C 41 20.30 -25.25 -10.83
N ASP C 42 20.57 -25.29 -9.54
CA ASP C 42 20.85 -26.55 -8.85
C ASP C 42 19.56 -27.21 -8.35
N ASP C 43 19.33 -28.43 -8.84
CA ASP C 43 18.29 -29.37 -8.38
C ASP C 43 18.21 -29.52 -6.87
N SER C 44 19.35 -29.84 -6.29
CA SER C 44 19.48 -30.16 -4.87
C SER C 44 19.10 -28.99 -3.97
N VAL C 45 19.15 -27.77 -4.50
CA VAL C 45 18.73 -26.58 -3.77
C VAL C 45 17.24 -26.35 -3.94
N ARG C 46 16.52 -26.20 -2.82
CA ARG C 46 15.08 -25.89 -2.83
C ARG C 46 14.72 -24.53 -2.19
N ALA C 47 15.70 -23.87 -1.56
CA ALA C 47 15.50 -22.55 -0.92
C ALA C 47 16.85 -21.89 -0.62
N VAL C 48 16.86 -20.55 -0.56
CA VAL C 48 18.11 -19.80 -0.44
C VAL C 48 18.06 -18.79 0.68
N VAL C 49 19.14 -18.76 1.49
CA VAL C 49 19.35 -17.76 2.53
C VAL C 49 20.62 -16.95 2.24
N VAL C 50 20.49 -15.63 2.21
CA VAL C 50 21.62 -14.74 2.05
C VAL C 50 21.91 -14.04 3.38
N TYR C 51 23.18 -14.00 3.77
CA TYR C 51 23.57 -13.60 5.13
C TYR C 51 24.89 -12.84 5.13
N GLY C 52 24.96 -11.79 5.94
CA GLY C 52 26.13 -10.91 5.99
C GLY C 52 27.32 -11.54 6.67
N GLY C 53 27.05 -12.50 7.55
CA GLY C 53 28.08 -13.19 8.32
C GLY C 53 27.97 -12.78 9.76
N ALA C 54 28.48 -13.64 10.64
CA ALA C 54 28.52 -13.37 12.08
C ALA C 54 29.44 -12.18 12.37
N GLU C 55 28.98 -11.34 13.30
CA GLU C 55 29.64 -10.10 13.65
C GLU C 55 29.96 -9.29 12.40
N ARG C 56 29.03 -9.25 11.45
CA ARG C 56 29.18 -8.49 10.20
C ARG C 56 27.87 -7.80 9.76
N SER C 57 28.00 -6.68 9.03
CA SER C 57 26.84 -6.00 8.46
C SER C 57 26.38 -6.75 7.21
N PHE C 58 25.05 -6.85 7.06
CA PHE C 58 24.40 -7.41 5.88
C PHE C 58 24.97 -6.76 4.62
N SER C 59 24.90 -5.43 4.53
CA SER C 59 25.70 -4.65 3.57
C SER C 59 25.51 -3.15 3.69
N ALA C 60 26.61 -2.43 3.81
CA ALA C 60 26.59 -0.97 3.83
C ALA C 60 26.27 -0.32 2.47
N GLY C 61 25.98 -1.12 1.45
CA GLY C 61 25.71 -0.60 0.11
C GLY C 61 26.96 -0.17 -0.65
N GLY C 62 26.78 0.70 -1.64
CA GLY C 62 27.88 1.10 -2.50
C GLY C 62 28.51 2.41 -2.07
N ASP C 63 29.78 2.57 -2.41
CA ASP C 63 30.57 3.75 -2.03
C ASP C 63 30.00 5.05 -2.63
N PHE C 64 29.50 5.93 -1.76
CA PHE C 64 29.00 7.25 -2.17
C PHE C 64 30.08 8.17 -2.75
N ASN C 65 31.33 8.01 -2.31
CA ASN C 65 32.46 8.75 -2.90
C ASN C 65 32.67 8.38 -4.37
N GLU C 66 32.64 7.08 -4.65
CA GLU C 66 32.79 6.58 -6.03
C GLU C 66 31.57 6.86 -6.90
N VAL C 67 30.37 6.79 -6.30
CA VAL C 67 29.12 7.25 -6.96
C VAL C 67 29.25 8.74 -7.35
N LYS C 68 29.71 9.56 -6.41
CA LYS C 68 29.94 10.98 -6.70
C LYS C 68 31.13 11.20 -7.63
N GLN C 69 32.03 10.22 -7.74
CA GLN C 69 33.23 10.33 -8.59
C GLN C 69 32.99 10.06 -10.09
N LEU C 70 31.83 9.48 -10.44
CA LEU C 70 31.47 9.16 -11.84
C LEU C 70 31.02 10.41 -12.60
N SER C 71 31.78 10.80 -13.62
CA SER C 71 31.47 12.02 -14.38
C SER C 71 31.25 11.80 -15.89
N ARG C 72 31.78 10.71 -16.46
CA ARG C 72 31.36 10.29 -17.82
C ARG C 72 29.99 9.65 -17.64
N SER C 73 29.11 9.76 -18.63
CA SER C 73 27.71 9.33 -18.46
C SER C 73 27.53 7.82 -18.68
N GLU C 74 28.35 7.21 -19.54
CA GLU C 74 28.30 5.76 -19.70
C GLU C 74 28.84 5.10 -18.43
N ASP C 75 29.77 5.78 -17.74
CA ASP C 75 30.16 5.39 -16.37
C ASP C 75 28.92 5.22 -15.49
N ILE C 76 28.03 6.21 -15.57
CA ILE C 76 26.79 6.19 -14.82
C ILE C 76 25.79 5.16 -15.38
N GLU C 77 25.68 5.08 -16.70
CA GLU C 77 24.82 4.07 -17.32
C GLU C 77 25.26 2.69 -16.88
N GLU C 78 26.52 2.34 -17.16
CA GLU C 78 27.10 1.10 -16.68
C GLU C 78 26.68 0.82 -15.25
N TRP C 79 26.88 1.80 -14.37
CA TRP C 79 26.68 1.61 -12.93
C TRP C 79 25.22 1.40 -12.52
N ILE C 80 24.34 2.26 -13.03
CA ILE C 80 22.90 2.09 -12.85
C ILE C 80 22.44 0.69 -13.24
N ASP C 81 22.87 0.26 -14.43
CA ASP C 81 22.55 -1.05 -14.97
C ASP C 81 23.01 -2.17 -14.02
N ARG C 82 24.24 -2.08 -13.53
CA ARG C 82 24.77 -3.07 -12.59
C ARG C 82 23.88 -3.23 -11.38
N VAL C 83 23.56 -2.12 -10.74
CA VAL C 83 22.72 -2.12 -9.55
C VAL C 83 21.39 -2.86 -9.78
N ILE C 84 20.69 -2.49 -10.84
CA ILE C 84 19.41 -3.11 -11.14
C ILE C 84 19.59 -4.61 -11.41
N ASP C 85 20.54 -4.95 -12.28
CA ASP C 85 20.84 -6.35 -12.60
C ASP C 85 20.98 -7.21 -11.35
N LEU C 86 21.62 -6.67 -10.33
CA LEU C 86 21.77 -7.33 -9.04
C LEU C 86 20.40 -7.60 -8.43
N TYR C 87 19.57 -6.56 -8.36
CA TYR C 87 18.25 -6.68 -7.77
C TYR C 87 17.38 -7.64 -8.57
N GLN C 88 17.47 -7.58 -9.91
CA GLN C 88 16.76 -8.53 -10.78
C GLN C 88 17.24 -9.95 -10.51
N ALA C 89 18.55 -10.12 -10.36
CA ALA C 89 19.15 -11.42 -10.05
C ALA C 89 18.48 -12.14 -8.88
N VAL C 90 18.09 -11.38 -7.86
CA VAL C 90 17.40 -11.93 -6.72
C VAL C 90 15.96 -12.25 -7.12
N LEU C 91 15.30 -11.30 -7.78
CA LEU C 91 13.87 -11.46 -8.13
C LEU C 91 13.63 -12.63 -9.06
N ASN C 92 14.65 -13.03 -9.82
CA ASN C 92 14.49 -14.12 -10.78
C ASN C 92 14.84 -15.48 -10.22
N VAL C 93 15.21 -15.55 -8.95
CA VAL C 93 15.42 -16.83 -8.31
C VAL C 93 14.05 -17.47 -8.08
N ASN C 94 13.81 -18.59 -8.74
CA ASN C 94 12.50 -19.25 -8.71
C ASN C 94 12.20 -20.08 -7.44
N LYS C 95 13.07 -20.02 -6.45
CA LYS C 95 12.87 -20.73 -5.19
C LYS C 95 12.75 -19.69 -4.09
N PRO C 96 12.31 -20.10 -2.90
CA PRO C 96 12.16 -19.17 -1.80
C PRO C 96 13.46 -18.47 -1.43
N THR C 97 13.38 -17.21 -1.03
CA THR C 97 14.57 -16.42 -0.68
C THR C 97 14.39 -15.67 0.65
N ILE C 98 15.27 -15.97 1.61
CA ILE C 98 15.27 -15.34 2.91
C ILE C 98 16.51 -14.47 3.03
N ALA C 99 16.34 -13.27 3.60
CA ALA C 99 17.48 -12.39 3.89
C ALA C 99 17.69 -12.27 5.41
N ALA C 100 18.83 -12.75 5.88
CA ALA C 100 19.18 -12.71 7.31
C ALA C 100 20.04 -11.47 7.62
N VAL C 101 19.40 -10.46 8.20
CA VAL C 101 20.02 -9.15 8.34
C VAL C 101 20.54 -8.88 9.74
N ASP C 102 21.86 -8.72 9.84
CA ASP C 102 22.48 -8.23 11.04
C ASP C 102 23.29 -7.01 10.63
N GLY C 103 23.76 -6.27 11.62
CA GLY C 103 24.54 -5.08 11.37
C GLY C 103 23.73 -4.01 10.65
N TYR C 104 24.30 -3.47 9.59
CA TYR C 104 23.69 -2.39 8.85
C TYR C 104 23.27 -2.86 7.48
N ALA C 105 22.06 -2.48 7.09
CA ALA C 105 21.59 -2.59 5.71
C ALA C 105 21.35 -1.18 5.22
N ILE C 106 22.31 -0.65 4.46
CA ILE C 106 22.29 0.76 4.02
C ILE C 106 22.17 0.90 2.51
N GLY C 107 21.47 1.94 2.08
CA GLY C 107 21.26 2.23 0.67
C GLY C 107 21.01 0.96 -0.13
N MET C 108 21.98 0.60 -0.98
CA MET C 108 21.87 -0.61 -1.78
C MET C 108 21.53 -1.83 -0.94
N GLY C 109 22.06 -1.88 0.28
CA GLY C 109 21.84 -3.02 1.15
C GLY C 109 20.38 -3.13 1.61
N PHE C 110 19.82 -1.97 1.93
CA PHE C 110 18.39 -1.85 2.22
C PHE C 110 17.60 -2.36 1.01
N GLN C 111 17.94 -1.83 -0.16
CA GLN C 111 17.19 -2.13 -1.38
C GLN C 111 17.33 -3.61 -1.77
N PHE C 112 18.57 -4.07 -1.77
CA PHE C 112 18.88 -5.47 -2.04
C PHE C 112 18.01 -6.40 -1.17
N ALA C 113 17.91 -6.07 0.12
CA ALA C 113 17.10 -6.86 1.05
C ALA C 113 15.63 -6.90 0.66
N LEU C 114 15.10 -5.80 0.14
CA LEU C 114 13.68 -5.72 -0.27
C LEU C 114 13.31 -6.63 -1.48
N MET C 115 14.33 -7.20 -2.14
CA MET C 115 14.09 -8.11 -3.25
C MET C 115 13.70 -9.51 -2.78
N PHE C 116 13.98 -9.81 -1.51
CA PHE C 116 13.77 -11.15 -0.99
C PHE C 116 12.31 -11.40 -0.65
N ASP C 117 11.95 -12.68 -0.54
CA ASP C 117 10.58 -13.07 -0.20
C ASP C 117 10.30 -12.78 1.28
N GLN C 118 11.33 -12.99 2.11
CA GLN C 118 11.22 -12.76 3.56
C GLN C 118 12.48 -12.13 4.10
N ARG C 119 12.31 -11.44 5.23
CA ARG C 119 13.40 -10.76 5.91
C ARG C 119 13.30 -10.96 7.42
N LEU C 120 14.33 -11.55 8.03
CA LEU C 120 14.47 -11.52 9.48
C LEU C 120 15.68 -10.65 9.78
N MET C 121 15.59 -9.87 10.85
CA MET C 121 16.74 -9.07 11.31
C MET C 121 17.07 -9.37 12.76
N ALA C 122 18.29 -9.03 13.16
CA ALA C 122 18.69 -9.09 14.57
C ALA C 122 18.05 -7.93 15.33
N SER C 123 17.79 -8.12 16.61
CA SER C 123 17.29 -7.05 17.47
C SER C 123 18.23 -5.86 17.45
N THR C 124 19.51 -6.15 17.29
CA THR C 124 20.58 -5.16 17.35
C THR C 124 20.93 -4.54 15.98
N ALA C 125 20.21 -4.89 14.92
CA ALA C 125 20.54 -4.43 13.57
C ALA C 125 19.86 -3.10 13.22
N ASN C 126 20.26 -2.50 12.10
CA ASN C 126 19.72 -1.24 11.61
C ASN C 126 19.55 -1.19 10.09
N PHE C 127 18.42 -0.66 9.64
CA PHE C 127 18.19 -0.31 8.23
C PHE C 127 18.37 1.20 8.06
N VAL C 128 18.97 1.64 6.96
CA VAL C 128 19.10 3.07 6.66
C VAL C 128 19.01 3.35 5.16
N MET C 129 18.37 4.45 4.79
CA MET C 129 18.34 4.92 3.41
C MET C 129 18.70 6.42 3.34
N PRO C 130 19.99 6.72 3.51
CA PRO C 130 20.35 8.09 3.79
C PRO C 130 20.77 8.91 2.58
N GLU C 131 20.54 8.42 1.36
CA GLU C 131 21.14 9.04 0.16
C GLU C 131 21.06 10.57 0.10
N LEU C 132 19.85 11.12 0.24
CA LEU C 132 19.63 12.57 0.12
C LEU C 132 20.42 13.36 1.16
N LYS C 133 20.63 12.76 2.33
CA LYS C 133 21.45 13.36 3.39
C LYS C 133 22.90 13.53 2.92
N HIS C 134 23.39 12.52 2.19
CA HIS C 134 24.75 12.52 1.68
C HIS C 134 24.85 13.07 0.25
N GLY C 135 23.81 13.73 -0.23
CA GLY C 135 23.81 14.29 -1.57
C GLY C 135 23.96 13.26 -2.69
N ILE C 136 23.21 12.17 -2.60
CA ILE C 136 23.13 11.20 -3.70
C ILE C 136 21.69 11.27 -4.21
N GLY C 137 21.51 11.18 -5.53
CA GLY C 137 20.16 10.97 -6.07
C GLY C 137 19.58 9.70 -5.47
N CYS C 138 18.27 9.50 -5.58
CA CYS C 138 17.64 8.35 -4.89
C CYS C 138 16.37 7.79 -5.56
N SER C 139 16.35 7.84 -6.89
CA SER C 139 15.21 7.40 -7.66
C SER C 139 14.93 5.93 -7.40
N VAL C 140 15.99 5.13 -7.44
CA VAL C 140 15.85 3.68 -7.35
C VAL C 140 15.34 3.23 -5.99
N GLY C 141 15.83 3.85 -4.92
CA GLY C 141 15.36 3.52 -3.57
C GLY C 141 13.89 3.86 -3.40
N ALA C 142 13.54 5.08 -3.79
CA ALA C 142 12.16 5.54 -3.74
C ALA C 142 11.27 4.62 -4.57
N ALA C 143 11.65 4.38 -5.81
CA ALA C 143 10.87 3.54 -6.70
C ALA C 143 10.56 2.21 -6.05
N ILE C 144 11.60 1.55 -5.56
CA ILE C 144 11.49 0.23 -4.93
C ILE C 144 10.57 0.30 -3.72
N LEU C 145 10.90 1.21 -2.81
CA LEU C 145 10.23 1.31 -1.52
C LEU C 145 8.78 1.74 -1.63
N GLY C 146 8.50 2.63 -2.57
CA GLY C 146 7.13 2.97 -2.93
C GLY C 146 6.34 1.74 -3.35
N PHE C 147 6.97 0.86 -4.12
CA PHE C 147 6.31 -0.34 -4.65
C PHE C 147 6.05 -1.39 -3.58
N THR C 148 7.04 -1.60 -2.72
CA THR C 148 6.99 -2.65 -1.72
C THR C 148 6.19 -2.24 -0.49
N HIS C 149 6.17 -0.96 -0.16
CA HIS C 149 5.61 -0.49 1.09
C HIS C 149 4.70 0.76 1.02
N GLY C 150 4.43 1.27 -0.17
CA GLY C 150 3.50 2.38 -0.31
C GLY C 150 4.17 3.72 -0.40
N PHE C 151 3.46 4.69 -0.97
CA PHE C 151 4.00 6.02 -1.24
C PHE C 151 4.40 6.72 0.04
N SER C 152 3.44 6.92 0.94
CA SER C 152 3.67 7.76 2.12
C SER C 152 4.72 7.18 3.07
N THR C 153 4.82 5.86 3.13
CA THR C 153 5.86 5.24 3.92
C THR C 153 7.23 5.51 3.36
N MET C 154 7.36 5.34 2.06
CA MET C 154 8.58 5.62 1.34
C MET C 154 8.99 7.08 1.53
N GLN C 155 8.03 7.99 1.36
CA GLN C 155 8.28 9.41 1.56
C GLN C 155 8.95 9.67 2.88
N GLU C 156 8.35 9.14 3.93
CA GLU C 156 8.83 9.35 5.29
C GLU C 156 10.28 8.89 5.42
N ILE C 157 10.54 7.67 4.98
CA ILE C 157 11.87 7.05 5.11
C ILE C 157 12.96 7.84 4.40
N ILE C 158 12.80 8.02 3.08
CA ILE C 158 13.76 8.74 2.27
C ILE C 158 14.02 10.16 2.74
N TYR C 159 12.96 10.86 3.11
CA TYR C 159 13.08 12.29 3.45
C TYR C 159 13.60 12.50 4.87
N GLN C 160 13.33 11.55 5.76
CA GLN C 160 13.82 11.64 7.14
C GLN C 160 15.26 11.16 7.30
N CYS C 161 15.68 10.20 6.48
CA CYS C 161 17.05 9.64 6.53
C CYS C 161 17.47 9.17 7.91
N GLN C 162 16.65 8.37 8.56
CA GLN C 162 16.98 7.93 9.91
C GLN C 162 17.51 6.50 9.89
N SER C 163 18.31 6.17 10.89
CA SER C 163 18.72 4.82 11.14
C SER C 163 17.53 4.10 11.75
N LEU C 164 17.00 3.10 11.06
CA LEU C 164 15.82 2.38 11.55
C LEU C 164 16.22 1.11 12.27
N ASP C 165 16.17 1.12 13.61
CA ASP C 165 16.41 -0.09 14.42
C ASP C 165 15.21 -1.03 14.33
N ALA C 166 15.27 -2.14 15.06
CA ALA C 166 14.29 -3.19 14.85
C ALA C 166 12.86 -2.77 15.19
N PRO C 167 12.62 -2.23 16.40
CA PRO C 167 11.28 -1.75 16.72
C PRO C 167 10.65 -0.93 15.59
N ARG C 168 11.46 -0.08 14.98
CA ARG C 168 11.02 0.80 13.91
C ARG C 168 10.70 0.07 12.61
N CYS C 169 11.51 -0.95 12.30
CA CYS C 169 11.31 -1.76 11.13
C CYS C 169 10.05 -2.59 11.26
N VAL C 170 9.78 -3.08 12.47
CA VAL C 170 8.56 -3.84 12.74
C VAL C 170 7.35 -2.94 12.52
N ASP C 171 7.42 -1.75 13.09
CA ASP C 171 6.41 -0.71 12.92
C ASP C 171 6.15 -0.39 11.42
N TYR C 172 7.19 -0.34 10.59
CA TYR C 172 7.07 -0.14 9.15
C TYR C 172 6.69 -1.41 8.38
N ARG C 173 6.74 -2.57 9.05
CA ARG C 173 6.60 -3.87 8.40
C ARG C 173 7.66 -4.07 7.31
N LEU C 174 8.90 -3.72 7.66
CA LEU C 174 10.05 -3.98 6.80
C LEU C 174 10.60 -5.39 6.96
N VAL C 175 10.27 -6.05 8.07
CA VAL C 175 10.80 -7.40 8.31
C VAL C 175 9.68 -8.31 8.79
N ASN C 176 9.91 -9.61 8.68
CA ASN C 176 8.93 -10.59 9.12
C ASN C 176 9.24 -11.10 10.51
N GLN C 177 10.47 -10.84 10.97
CA GLN C 177 10.89 -11.35 12.28
C GLN C 177 12.12 -10.63 12.82
N VAL C 178 12.17 -10.53 14.15
CA VAL C 178 13.30 -9.95 14.86
C VAL C 178 13.76 -10.97 15.89
N VAL C 179 15.03 -11.33 15.86
CA VAL C 179 15.55 -12.26 16.86
C VAL C 179 16.92 -11.81 17.34
N GLU C 180 17.49 -12.54 18.29
CA GLU C 180 18.84 -12.27 18.75
C GLU C 180 19.84 -12.57 17.66
N SER C 181 20.95 -11.83 17.64
CA SER C 181 22.00 -12.04 16.66
C SER C 181 22.44 -13.50 16.63
N SER C 182 22.65 -14.08 17.82
CA SER C 182 23.05 -15.49 17.93
C SER C 182 22.03 -16.44 17.31
N ALA C 183 20.75 -16.10 17.37
CA ALA C 183 19.67 -16.95 16.87
C ALA C 183 19.34 -16.76 15.39
N LEU C 184 19.80 -15.65 14.81
CA LEU C 184 19.29 -15.18 13.52
C LEU C 184 19.43 -16.19 12.39
N LEU C 185 20.62 -16.76 12.21
CA LEU C 185 20.85 -17.61 11.04
C LEU C 185 19.97 -18.85 11.07
N ASP C 186 19.95 -19.54 12.22
CA ASP C 186 19.07 -20.71 12.39
C ASP C 186 17.61 -20.38 12.10
N ALA C 187 17.15 -19.23 12.61
CA ALA C 187 15.80 -18.76 12.37
C ALA C 187 15.51 -18.63 10.88
N ALA C 188 16.45 -18.07 10.14
CA ALA C 188 16.29 -17.85 8.70
C ALA C 188 16.22 -19.18 7.95
N ILE C 189 17.12 -20.08 8.32
CA ILE C 189 17.15 -21.41 7.73
C ILE C 189 15.82 -22.14 7.95
N THR C 190 15.24 -21.98 9.13
CA THR C 190 13.99 -22.68 9.45
C THR C 190 12.87 -22.23 8.54
N GLN C 191 12.74 -20.92 8.42
CA GLN C 191 11.83 -20.29 7.45
C GLN C 191 12.00 -20.84 6.05
N ALA C 192 13.28 -20.98 5.65
CA ALA C 192 13.63 -21.52 4.35
C ALA C 192 13.18 -22.97 4.20
N HIS C 193 13.38 -23.80 5.23
CA HIS C 193 12.90 -25.20 5.25
C HIS C 193 11.37 -25.28 5.14
N VAL C 194 10.69 -24.35 5.80
CA VAL C 194 9.24 -24.25 5.76
C VAL C 194 8.76 -23.95 4.34
N MET C 195 9.29 -22.89 3.73
CA MET C 195 8.91 -22.52 2.37
C MET C 195 9.41 -23.52 1.34
N ALA C 196 10.53 -24.18 1.64
CA ALA C 196 11.07 -25.23 0.77
C ALA C 196 10.16 -26.45 0.70
N SER C 197 9.38 -26.66 1.76
CA SER C 197 8.44 -27.77 1.81
C SER C 197 7.15 -27.52 1.01
N TYR C 198 6.95 -26.30 0.48
CA TYR C 198 5.80 -26.02 -0.38
C TYR C 198 5.97 -26.63 -1.77
N PRO C 199 4.98 -27.43 -2.22
CA PRO C 199 4.98 -27.98 -3.56
C PRO C 199 5.53 -27.00 -4.59
N ALA C 200 6.63 -27.39 -5.21
CA ALA C 200 7.42 -26.51 -6.06
C ALA C 200 6.67 -25.83 -7.21
N SER C 201 6.05 -26.64 -8.06
CA SER C 201 5.38 -26.10 -9.25
C SER C 201 4.44 -24.95 -8.90
N ALA C 202 3.55 -25.21 -7.93
CA ALA C 202 2.60 -24.21 -7.45
C ALA C 202 3.30 -22.99 -6.88
N PHE C 203 4.38 -23.19 -6.15
CA PHE C 203 5.13 -22.06 -5.60
C PHE C 203 5.79 -21.22 -6.68
N ILE C 204 6.50 -21.88 -7.58
CA ILE C 204 7.29 -21.22 -8.61
C ILE C 204 6.43 -20.33 -9.51
N ASN C 205 5.36 -20.91 -10.04
CA ASN C 205 4.47 -20.16 -10.92
C ASN C 205 3.80 -18.98 -10.23
N THR C 206 3.53 -19.14 -8.94
CA THR C 206 2.98 -18.05 -8.16
C THR C 206 4.02 -16.96 -7.99
N LYS C 207 5.22 -17.33 -7.51
CA LYS C 207 6.28 -16.36 -7.26
C LYS C 207 6.55 -15.58 -8.55
N ARG C 208 6.59 -16.27 -9.67
CA ARG C 208 6.81 -15.61 -10.96
C ARG C 208 5.78 -14.52 -11.20
N ALA C 209 4.51 -14.86 -11.00
CA ALA C 209 3.40 -13.92 -11.15
C ALA C 209 3.55 -12.74 -10.20
N VAL C 210 3.96 -13.04 -8.97
CA VAL C 210 4.07 -12.03 -7.93
C VAL C 210 5.18 -11.04 -8.28
N ASN C 211 6.36 -11.55 -8.62
CA ASN C 211 7.51 -10.71 -8.85
C ASN C 211 7.50 -10.01 -10.22
N LYS C 212 6.59 -10.40 -11.11
CA LYS C 212 6.58 -9.79 -12.45
C LYS C 212 6.46 -8.26 -12.44
N PRO C 213 5.40 -7.71 -11.81
CA PRO C 213 5.29 -6.27 -11.71
C PRO C 213 6.50 -5.60 -11.08
N PHE C 214 7.12 -6.26 -10.09
CA PHE C 214 8.31 -5.74 -9.43
C PHE C 214 9.42 -5.64 -10.44
N ILE C 215 9.67 -6.71 -11.19
CA ILE C 215 10.73 -6.71 -12.18
C ILE C 215 10.49 -5.60 -13.18
N HIS C 216 9.26 -5.52 -13.66
CA HIS C 216 8.86 -4.52 -14.66
C HIS C 216 9.09 -3.12 -14.16
N LEU C 217 8.88 -2.92 -12.86
CA LEU C 217 9.14 -1.63 -12.24
C LEU C 217 10.61 -1.32 -12.28
N LEU C 218 11.44 -2.29 -11.94
CA LEU C 218 12.88 -2.09 -11.96
C LEU C 218 13.34 -1.74 -13.37
N GLU C 219 12.68 -2.29 -14.37
CA GLU C 219 13.03 -1.97 -15.74
C GLU C 219 12.66 -0.52 -16.10
N GLN C 220 11.52 -0.08 -15.61
CA GLN C 220 11.05 1.28 -15.88
C GLN C 220 11.97 2.26 -15.21
N THR C 221 12.30 1.96 -13.96
CA THR C 221 13.25 2.76 -13.19
C THR C 221 14.64 2.82 -13.80
N ARG C 222 15.06 1.75 -14.46
CA ARG C 222 16.34 1.73 -15.14
C ARG C 222 16.35 2.83 -16.18
N ASP C 223 15.34 2.83 -17.05
CA ASP C 223 15.23 3.79 -18.17
C ASP C 223 15.18 5.22 -17.67
N ALA C 224 14.39 5.42 -16.61
CA ALA C 224 14.13 6.73 -16.03
C ALA C 224 15.35 7.32 -15.35
N SER C 225 15.99 6.53 -14.48
CA SER C 225 17.21 6.98 -13.79
C SER C 225 18.34 7.36 -14.76
N LYS C 226 18.24 6.88 -16.00
CA LYS C 226 19.20 7.19 -17.05
C LYS C 226 18.68 8.25 -18.03
N ALA C 227 17.39 8.55 -18.00
CA ALA C 227 16.85 9.76 -18.65
C ALA C 227 17.26 10.99 -17.81
N VAL C 228 17.33 10.79 -16.50
CA VAL C 228 17.87 11.77 -15.55
C VAL C 228 19.27 12.21 -16.00
N HIS C 229 20.29 11.37 -15.78
CA HIS C 229 21.70 11.74 -16.04
C HIS C 229 22.05 11.61 -17.53
N LYS C 230 21.28 12.35 -18.33
CA LYS C 230 21.33 12.33 -19.79
C LYS C 230 20.95 13.69 -20.35
N ALA C 231 19.90 14.31 -19.81
CA ALA C 231 19.41 15.61 -20.28
C ALA C 231 20.41 16.75 -20.10
#